data_5DBF
#
_entry.id   5DBF
#
_cell.length_a   91.769
_cell.length_b   94.887
_cell.length_c   172.600
_cell.angle_alpha   90.000
_cell.angle_beta   90.000
_cell.angle_gamma   90.000
#
_symmetry.space_group_name_H-M   'C 2 2 21'
#
loop_
_entity.id
_entity.type
_entity.pdbx_description
1 polymer 'Iridoid synthase'
2 non-polymer 'NADPH DIHYDRO-NICOTINAMIDE-ADENINE-DINUCLEOTIDE PHOSPHATE'
3 water water
#
_entity_poly.entity_id   1
_entity_poly.type   'polypeptide(L)'
_entity_poly.pdbx_seq_one_letter_code
;KSYKSVALVVGVTGIVGSSLAEVLKLPDTPGGPWKVYGVARRPCPVWLAKKPVEYIQCDVSDNQETISKLSPLKDITHIF
YVSWIGSEDCQTNATMFKNILNSVIPNASNLQHVCLQTGIKHYFGIFEEGSKVVPHDSPFTEDLPRLNVPNFYHDLEDIL
YEETGKNNLTWSVHRPALVFGFSPCSMMNIVSTLCVYATICKHENKALVYPGSKNSWNCYADAVDADLVAEHEIWAAVDP
KAKNQVLNCNNGDVFKWKHIWKKLAEEFGIEMVGYVEGKEQVSLAELMKDKDQVWDEIVKKNNLVPTKLKEIAAFWFADI
AFCSENLISSMNKSKELGFLGFRNSMKSFVSCIDKMRDYRFIPASAWSHPQFEK
;
_entity_poly.pdbx_strand_id   A,B
#
# COMPACT_ATOMS: atom_id res chain seq x y z
N SER A 2 -23.86 -27.19 10.82
CA SER A 2 -24.69 -26.25 11.61
C SER A 2 -23.81 -25.61 12.71
N TYR A 3 -23.73 -24.29 12.69
CA TYR A 3 -22.88 -23.50 13.58
C TYR A 3 -23.72 -22.45 14.26
N LYS A 4 -23.25 -21.96 15.39
CA LYS A 4 -23.94 -20.86 16.07
C LYS A 4 -23.47 -19.54 15.47
N SER A 5 -22.17 -19.40 15.23
CA SER A 5 -21.62 -18.14 14.77
C SER A 5 -20.66 -18.40 13.65
N VAL A 6 -20.52 -17.40 12.78
CA VAL A 6 -19.66 -17.49 11.62
C VAL A 6 -18.74 -16.24 11.54
N ALA A 7 -17.43 -16.47 11.70
CA ALA A 7 -16.48 -15.41 11.79
C ALA A 7 -15.77 -15.23 10.46
N LEU A 8 -15.63 -13.97 10.04
CA LEU A 8 -14.71 -13.61 8.96
C LEU A 8 -13.52 -13.00 9.66
N VAL A 9 -12.35 -13.61 9.54
CA VAL A 9 -11.12 -13.13 10.16
C VAL A 9 -10.27 -12.54 9.05
N VAL A 10 -10.32 -11.22 8.92
CA VAL A 10 -9.50 -10.58 7.89
C VAL A 10 -8.13 -10.37 8.44
N GLY A 11 -7.13 -11.08 7.90
CA GLY A 11 -5.74 -11.07 8.40
C GLY A 11 -5.40 -12.32 9.20
N VAL A 12 -5.83 -13.48 8.67
CA VAL A 12 -5.77 -14.76 9.41
C VAL A 12 -4.37 -15.28 9.59
N THR A 13 -3.41 -14.80 8.77
CA THR A 13 -2.03 -15.18 8.94
C THR A 13 -1.31 -14.28 9.89
N GLY A 14 -1.99 -13.22 10.34
CA GLY A 14 -1.31 -12.23 11.19
C GLY A 14 -1.08 -12.68 12.63
N ILE A 15 -0.45 -11.79 13.41
CA ILE A 15 -0.12 -12.11 14.79
C ILE A 15 -1.36 -12.28 15.67
N VAL A 16 -2.44 -11.55 15.38
CA VAL A 16 -3.68 -11.80 16.08
C VAL A 16 -4.64 -12.77 15.35
N GLY A 17 -4.79 -12.56 14.05
CA GLY A 17 -5.65 -13.44 13.24
C GLY A 17 -5.32 -14.94 13.40
N SER A 18 -4.04 -15.27 13.50
CA SER A 18 -3.62 -16.65 13.68
C SER A 18 -4.01 -17.22 15.05
N SER A 19 -4.12 -16.34 16.07
CA SER A 19 -4.64 -16.73 17.40
C SER A 19 -6.11 -16.94 17.35
N LEU A 20 -6.80 -16.03 16.68
CA LEU A 20 -8.25 -16.17 16.54
C LEU A 20 -8.64 -17.47 15.87
N ALA A 21 -7.82 -17.88 14.91
CA ALA A 21 -8.05 -19.10 14.19
C ALA A 21 -7.97 -20.30 15.13
N GLU A 22 -7.19 -20.19 16.20
CA GLU A 22 -7.09 -21.25 17.21
C GLU A 22 -8.18 -21.08 18.25
N VAL A 23 -8.32 -19.88 18.77
CA VAL A 23 -9.23 -19.62 19.87
C VAL A 23 -10.69 -19.79 19.46
N LEU A 24 -11.04 -19.35 18.27
CA LEU A 24 -12.46 -19.48 17.87
C LEU A 24 -12.95 -20.94 17.74
N LYS A 25 -12.03 -21.88 17.56
CA LYS A 25 -12.35 -23.28 17.39
C LYS A 25 -12.28 -24.09 18.70
N LEU A 26 -12.03 -23.45 19.86
CA LEU A 26 -12.13 -24.13 21.14
C LEU A 26 -13.59 -24.35 21.53
N PRO A 27 -13.91 -25.52 22.15
CA PRO A 27 -15.28 -25.83 22.57
C PRO A 27 -15.88 -24.88 23.59
N ASP A 28 -15.10 -24.38 24.51
CA ASP A 28 -15.66 -23.46 25.50
C ASP A 28 -15.80 -22.00 25.01
N THR A 29 -15.40 -21.71 23.78
CA THR A 29 -15.35 -20.31 23.35
C THR A 29 -16.71 -19.65 23.26
N PRO A 30 -16.88 -18.51 23.95
CA PRO A 30 -18.16 -17.79 23.82
C PRO A 30 -18.66 -17.64 22.34
N GLY A 31 -19.95 -17.91 22.13
CA GLY A 31 -20.59 -17.82 20.83
C GLY A 31 -20.42 -19.02 19.91
N GLY A 32 -19.64 -20.02 20.35
CA GLY A 32 -19.40 -21.21 19.55
C GLY A 32 -20.65 -22.09 19.48
N PRO A 33 -20.63 -23.12 18.63
CA PRO A 33 -19.50 -23.45 17.77
C PRO A 33 -19.38 -22.45 16.62
N TRP A 34 -18.13 -22.11 16.31
CA TRP A 34 -17.79 -21.09 15.33
C TRP A 34 -17.31 -21.78 14.08
N LYS A 35 -17.82 -21.30 12.97
CA LYS A 35 -17.22 -21.54 11.66
C LYS A 35 -16.29 -20.37 11.37
N VAL A 36 -15.14 -20.64 10.77
CA VAL A 36 -14.10 -19.63 10.51
C VAL A 36 -13.63 -19.53 9.06
N TYR A 37 -13.93 -18.39 8.45
CA TYR A 37 -13.29 -17.94 7.21
C TYR A 37 -12.08 -17.05 7.55
N GLY A 38 -10.95 -17.38 6.99
CA GLY A 38 -9.73 -16.63 7.20
C GLY A 38 -9.29 -16.04 5.88
N VAL A 39 -9.10 -14.72 5.84
CA VAL A 39 -8.58 -14.00 4.65
C VAL A 39 -7.14 -13.51 4.84
N ALA A 40 -6.34 -13.73 3.80
CA ALA A 40 -5.03 -13.15 3.69
C ALA A 40 -4.66 -13.09 2.19
N ARG A 41 -3.55 -12.43 1.87
CA ARG A 41 -3.23 -12.12 0.48
C ARG A 41 -2.36 -13.24 -0.11
N ARG A 42 -1.34 -13.68 0.61
CA ARG A 42 -0.49 -14.81 0.23
C ARG A 42 -1.26 -16.11 0.08
N PRO A 43 -0.69 -17.08 -0.65
CA PRO A 43 -1.35 -18.37 -0.62
C PRO A 43 -1.22 -18.98 0.77
N CYS A 44 -2.19 -19.77 1.15
CA CYS A 44 -2.23 -20.42 2.47
C CYS A 44 -0.92 -21.07 2.77
N PRO A 45 -0.23 -20.64 3.81
CA PRO A 45 1.02 -21.33 4.07
C PRO A 45 0.77 -22.71 4.69
N VAL A 46 1.79 -23.56 4.70
CA VAL A 46 1.60 -24.97 5.07
C VAL A 46 0.98 -25.12 6.46
N TRP A 47 1.57 -24.45 7.43
CA TRP A 47 1.10 -24.52 8.83
C TRP A 47 -0.39 -24.21 9.00
N LEU A 48 -0.92 -23.32 8.17
CA LEU A 48 -2.31 -22.93 8.28
C LEU A 48 -3.24 -23.87 7.54
N ALA A 49 -2.71 -24.59 6.57
CA ALA A 49 -3.56 -25.58 5.89
C ALA A 49 -3.99 -26.75 6.84
N LYS A 50 -3.26 -26.97 7.92
CA LYS A 50 -3.63 -27.99 8.89
C LYS A 50 -4.58 -27.47 9.97
N LYS A 51 -5.17 -26.30 9.76
CA LYS A 51 -6.17 -25.76 10.68
C LYS A 51 -7.57 -25.78 10.08
N PRO A 52 -8.60 -26.01 10.90
CA PRO A 52 -9.98 -25.99 10.39
C PRO A 52 -10.49 -24.56 10.15
N VAL A 53 -9.85 -23.84 9.23
CA VAL A 53 -10.32 -22.51 8.81
C VAL A 53 -10.50 -22.59 7.31
N GLU A 54 -11.61 -22.10 6.79
CA GLU A 54 -11.75 -21.94 5.34
C GLU A 54 -10.89 -20.76 4.85
N TYR A 55 -9.81 -21.01 4.18
CA TYR A 55 -8.88 -19.96 3.81
C TYR A 55 -9.35 -19.33 2.50
N ILE A 56 -9.51 -18.00 2.48
CA ILE A 56 -9.79 -17.27 1.26
C ILE A 56 -8.61 -16.41 0.94
N GLN A 57 -7.92 -16.75 -0.13
CA GLN A 57 -6.82 -15.97 -0.64
C GLN A 57 -7.42 -14.81 -1.40
N CYS A 58 -7.14 -13.59 -0.94
CA CYS A 58 -7.79 -12.43 -1.50
C CYS A 58 -7.00 -11.17 -1.19
N ASP A 59 -6.72 -10.36 -2.21
CA ASP A 59 -6.09 -9.06 -1.98
C ASP A 59 -7.22 -8.09 -1.63
N VAL A 60 -7.38 -7.75 -0.34
CA VAL A 60 -8.54 -6.99 0.05
C VAL A 60 -8.45 -5.49 -0.34
N SER A 61 -7.29 -5.04 -0.81
CA SER A 61 -7.16 -3.69 -1.39
C SER A 61 -7.72 -3.57 -2.82
N ASP A 62 -7.97 -4.71 -3.49
CA ASP A 62 -8.65 -4.80 -4.81
C ASP A 62 -10.16 -5.06 -4.63
N ASN A 63 -10.95 -4.05 -4.90
CA ASN A 63 -12.39 -4.11 -4.69
C ASN A 63 -13.16 -5.19 -5.49
N GLN A 64 -12.93 -5.31 -6.79
CA GLN A 64 -13.64 -6.35 -7.59
C GLN A 64 -13.31 -7.75 -7.09
N GLU A 65 -12.05 -7.98 -6.75
CA GLU A 65 -11.60 -9.27 -6.23
C GLU A 65 -12.28 -9.61 -4.91
N THR A 66 -12.31 -8.62 -4.02
CA THR A 66 -12.98 -8.72 -2.74
C THR A 66 -14.50 -9.00 -2.88
N ILE A 67 -15.12 -8.29 -3.78
CA ILE A 67 -16.53 -8.54 -4.07
C ILE A 67 -16.73 -9.99 -4.53
N SER A 68 -15.94 -10.44 -5.48
CA SER A 68 -16.20 -11.77 -6.03
C SER A 68 -15.91 -12.86 -5.00
N LYS A 69 -14.88 -12.65 -4.18
CA LYS A 69 -14.49 -13.63 -3.16
C LYS A 69 -15.35 -13.59 -1.89
N LEU A 70 -15.83 -12.43 -1.46
CA LEU A 70 -16.58 -12.37 -0.19
C LEU A 70 -18.09 -12.26 -0.30
N SER A 71 -18.62 -11.79 -1.41
CA SER A 71 -20.08 -11.63 -1.55
C SER A 71 -20.86 -12.95 -1.49
N PRO A 72 -20.23 -14.10 -1.86
CA PRO A 72 -20.94 -15.37 -1.69
C PRO A 72 -21.05 -15.84 -0.26
N LEU A 73 -20.32 -15.20 0.66
CA LEU A 73 -20.24 -15.64 2.05
C LEU A 73 -21.41 -15.12 2.86
N LYS A 74 -22.58 -15.69 2.56
CA LYS A 74 -23.84 -15.18 3.10
C LYS A 74 -24.13 -15.50 4.58
N ASP A 75 -23.39 -16.44 5.16
CA ASP A 75 -23.65 -16.87 6.53
C ASP A 75 -22.87 -16.10 7.63
N ILE A 76 -22.02 -15.14 7.26
CA ILE A 76 -21.14 -14.42 8.21
C ILE A 76 -21.97 -13.68 9.27
N THR A 77 -21.55 -13.79 10.55
CA THR A 77 -22.24 -13.10 11.64
C THR A 77 -21.36 -12.07 12.33
N HIS A 78 -20.04 -12.24 12.28
CA HIS A 78 -19.12 -11.33 12.98
C HIS A 78 -17.89 -11.18 12.17
N ILE A 79 -17.46 -9.93 11.97
CA ILE A 79 -16.26 -9.67 11.25
C ILE A 79 -15.19 -9.27 12.30
N PHE A 80 -13.97 -9.76 12.13
CA PHE A 80 -12.82 -9.38 12.94
C PHE A 80 -11.79 -8.80 12.00
N TYR A 81 -11.67 -7.47 11.93
CA TYR A 81 -10.72 -6.86 11.04
C TYR A 81 -9.38 -6.70 11.80
N VAL A 82 -8.43 -7.57 11.49
CA VAL A 82 -7.18 -7.64 12.21
C VAL A 82 -6.11 -7.61 11.19
N SER A 83 -6.16 -6.56 10.35
CA SER A 83 -5.22 -6.49 9.29
C SER A 83 -4.79 -5.04 9.08
N TRP A 84 -3.70 -4.83 8.39
CA TRP A 84 -3.33 -3.51 7.79
C TRP A 84 -2.40 -3.77 6.59
N ILE A 85 -2.17 -2.77 5.70
CA ILE A 85 -1.35 -3.09 4.51
C ILE A 85 -0.02 -2.97 5.14
N GLY A 86 1.08 -3.21 4.49
CA GLY A 86 2.29 -2.97 5.39
C GLY A 86 2.78 -1.53 5.67
N SER A 87 1.93 -0.51 5.63
CA SER A 87 2.47 0.84 5.77
C SER A 87 1.47 1.74 6.47
N GLU A 88 1.83 3.00 6.70
CA GLU A 88 0.92 3.95 7.37
C GLU A 88 0.04 4.82 6.49
N ASP A 89 0.03 4.56 5.19
CA ASP A 89 -0.88 5.23 4.20
C ASP A 89 -2.33 5.17 4.65
N CYS A 90 -2.91 6.34 4.97
CA CYS A 90 -4.31 6.42 5.40
C CYS A 90 -5.28 5.96 4.30
N GLN A 91 -4.94 6.25 3.07
CA GLN A 91 -5.81 5.93 1.98
C GLN A 91 -5.84 4.43 1.70
N THR A 92 -4.66 3.79 1.59
CA THR A 92 -4.59 2.37 1.22
C THR A 92 -5.10 1.42 2.35
N ASN A 93 -4.77 1.73 3.59
CA ASN A 93 -5.41 1.04 4.75
C ASN A 93 -6.93 1.19 4.73
N ALA A 94 -7.41 2.41 4.44
CA ALA A 94 -8.86 2.67 4.43
C ALA A 94 -9.59 1.89 3.36
N THR A 95 -8.94 1.75 2.20
CA THR A 95 -9.51 0.99 1.07
C THR A 95 -9.83 -0.48 1.50
N MET A 96 -8.88 -1.13 2.12
CA MET A 96 -9.02 -2.55 2.60
C MET A 96 -10.21 -2.72 3.44
N PHE A 97 -10.40 -1.80 4.40
CA PHE A 97 -11.49 -1.95 5.36
C PHE A 97 -12.83 -1.67 4.70
N LYS A 98 -12.91 -0.62 3.89
CA LYS A 98 -14.14 -0.32 3.10
C LYS A 98 -14.55 -1.49 2.21
N ASN A 99 -13.61 -2.04 1.46
CA ASN A 99 -13.87 -3.20 0.60
C ASN A 99 -14.41 -4.40 1.39
N ILE A 100 -13.91 -4.64 2.60
CA ILE A 100 -14.50 -5.74 3.44
C ILE A 100 -15.98 -5.48 3.71
N LEU A 101 -16.28 -4.29 4.22
CA LEU A 101 -17.64 -3.96 4.64
C LEU A 101 -18.62 -3.88 3.48
N ASN A 102 -18.19 -3.23 2.41
CA ASN A 102 -19.01 -3.08 1.20
C ASN A 102 -19.30 -4.42 0.52
N SER A 103 -18.39 -5.40 0.66
CA SER A 103 -18.59 -6.72 0.10
C SER A 103 -19.42 -7.64 1.00
N VAL A 104 -19.36 -7.45 2.30
CA VAL A 104 -20.06 -8.36 3.23
C VAL A 104 -21.37 -7.80 3.72
N ILE A 105 -21.42 -6.51 4.06
CA ILE A 105 -22.66 -6.01 4.63
C ILE A 105 -23.89 -6.22 3.72
N PRO A 106 -23.77 -5.96 2.41
CA PRO A 106 -25.02 -6.20 1.67
C PRO A 106 -25.40 -7.68 1.52
N ASN A 107 -24.44 -8.58 1.72
CA ASN A 107 -24.66 -9.98 1.38
C ASN A 107 -24.92 -10.96 2.56
N ALA A 108 -24.67 -10.53 3.80
CA ALA A 108 -24.81 -11.40 4.97
C ALA A 108 -25.89 -10.83 5.85
N SER A 109 -27.12 -11.23 5.58
CA SER A 109 -28.29 -10.72 6.30
C SER A 109 -28.25 -10.98 7.82
N ASN A 110 -27.47 -11.95 8.31
CA ASN A 110 -27.36 -12.13 9.78
C ASN A 110 -26.11 -11.57 10.45
N LEU A 111 -25.47 -10.64 9.75
CA LEU A 111 -24.32 -9.94 10.27
C LEU A 111 -24.78 -9.19 11.49
N GLN A 112 -23.96 -9.25 12.53
CA GLN A 112 -24.27 -8.58 13.79
C GLN A 112 -23.28 -7.55 14.22
N HIS A 113 -22.00 -7.83 14.05
CA HIS A 113 -20.95 -7.08 14.71
C HIS A 113 -19.70 -6.97 13.85
N VAL A 114 -19.04 -5.84 13.93
CA VAL A 114 -17.72 -5.66 13.34
C VAL A 114 -16.74 -5.28 14.45
N CYS A 115 -15.67 -6.08 14.64
CA CYS A 115 -14.54 -5.75 15.55
C CYS A 115 -13.43 -5.16 14.70
N LEU A 116 -12.95 -4.01 15.08
CA LEU A 116 -11.85 -3.37 14.40
C LEU A 116 -10.68 -3.35 15.40
N GLN A 117 -9.54 -3.86 14.97
CA GLN A 117 -8.31 -3.77 15.74
C GLN A 117 -7.40 -2.65 15.26
N THR A 118 -7.14 -1.69 16.14
CA THR A 118 -6.15 -0.66 15.89
C THR A 118 -5.05 -0.88 16.91
N GLY A 119 -4.79 0.08 17.81
CA GLY A 119 -3.60 0.01 18.62
C GLY A 119 -3.33 1.20 19.50
N ILE A 120 -2.31 1.10 20.34
CA ILE A 120 -2.02 2.22 21.25
C ILE A 120 -1.36 3.44 20.53
N LYS A 121 -0.91 3.31 19.30
CA LYS A 121 -0.39 4.48 18.52
C LYS A 121 -1.44 5.59 18.45
N HIS A 122 -2.69 5.22 18.61
CA HIS A 122 -3.78 6.19 18.71
C HIS A 122 -3.48 7.26 19.73
N TYR A 123 -2.73 6.92 20.77
CA TYR A 123 -2.46 7.85 21.84
C TYR A 123 -1.16 8.66 21.72
N PHE A 124 -0.22 8.23 20.88
CA PHE A 124 1.07 8.92 20.86
C PHE A 124 1.64 9.26 19.48
N GLY A 125 1.00 8.81 18.41
CA GLY A 125 1.37 9.29 17.08
C GLY A 125 1.81 8.13 16.23
N ILE A 126 2.61 8.45 15.22
CA ILE A 126 2.79 7.55 14.08
C ILE A 126 4.29 7.22 13.91
N PHE A 127 4.60 6.07 13.31
CA PHE A 127 5.98 5.65 13.17
C PHE A 127 6.77 6.50 12.14
N GLU A 128 6.10 7.13 11.17
CA GLU A 128 6.81 7.83 10.07
C GLU A 128 7.81 8.84 10.62
N VAL A 134 3.77 15.27 19.64
CA VAL A 134 3.26 15.72 20.94
C VAL A 134 2.23 14.73 21.55
N PRO A 135 2.74 13.61 22.09
CA PRO A 135 1.84 12.54 22.58
C PRO A 135 1.03 12.89 23.82
N HIS A 136 -0.13 12.27 23.97
CA HIS A 136 -0.80 12.22 25.27
C HIS A 136 0.14 11.66 26.34
N ASP A 137 -0.02 12.09 27.57
CA ASP A 137 0.64 11.46 28.70
C ASP A 137 -0.15 10.16 29.00
N SER A 138 0.45 9.25 29.73
CA SER A 138 -0.14 7.93 30.04
C SER A 138 -0.33 7.90 31.54
N PRO A 139 -1.08 6.95 32.10
CA PRO A 139 -1.61 5.75 31.42
C PRO A 139 -2.70 6.08 30.44
N PHE A 140 -2.71 5.44 29.29
CA PHE A 140 -3.66 5.84 28.26
C PHE A 140 -5.02 5.26 28.57
N THR A 141 -6.04 6.10 28.46
CA THR A 141 -7.41 5.72 28.65
C THR A 141 -8.19 6.00 27.35
N GLU A 142 -9.27 5.24 27.17
CA GLU A 142 -9.96 5.15 25.89
C GLU A 142 -10.58 6.45 25.42
N ASP A 143 -10.95 7.26 26.39
CA ASP A 143 -11.60 8.53 26.19
C ASP A 143 -10.67 9.64 25.70
N LEU A 144 -9.36 9.42 25.57
CA LEU A 144 -8.46 10.48 25.14
C LEU A 144 -8.74 10.93 23.71
N PRO A 145 -8.78 12.24 23.45
CA PRO A 145 -9.11 12.68 22.09
C PRO A 145 -8.03 12.39 21.06
N ARG A 146 -8.40 12.32 19.79
CA ARG A 146 -7.43 12.13 18.69
C ARG A 146 -6.38 13.21 18.63
N LEU A 147 -5.15 12.82 18.35
CA LEU A 147 -4.08 13.73 18.05
C LEU A 147 -4.23 14.27 16.64
N ASN A 148 -3.65 15.43 16.40
CA ASN A 148 -3.78 16.07 15.08
C ASN A 148 -2.67 15.52 14.21
N VAL A 149 -2.86 14.28 13.75
CA VAL A 149 -1.90 13.60 12.90
C VAL A 149 -2.68 12.77 11.91
N PRO A 150 -2.07 12.48 10.76
CA PRO A 150 -2.71 11.56 9.81
C PRO A 150 -2.47 10.09 10.26
N ASN A 151 -3.19 9.66 11.26
CA ASN A 151 -3.12 8.28 11.74
C ASN A 151 -4.25 7.50 11.04
N PHE A 152 -3.90 6.49 10.25
CA PHE A 152 -4.93 5.74 9.52
C PHE A 152 -5.96 5.11 10.49
N TYR A 153 -5.61 4.99 11.78
CA TYR A 153 -6.62 4.45 12.74
C TYR A 153 -7.87 5.35 12.75
N HIS A 154 -7.70 6.67 12.50
CA HIS A 154 -8.84 7.60 12.57
C HIS A 154 -9.83 7.31 11.44
N ASP A 155 -9.28 7.12 10.26
CA ASP A 155 -10.03 6.73 9.06
C ASP A 155 -10.78 5.41 9.29
N LEU A 156 -10.10 4.41 9.82
CA LEU A 156 -10.78 3.12 10.07
C LEU A 156 -11.94 3.26 11.07
N GLU A 157 -11.73 3.95 12.18
CA GLU A 157 -12.85 4.21 13.08
C GLU A 157 -14.00 4.88 12.41
N ASP A 158 -13.71 5.94 11.63
CA ASP A 158 -14.79 6.71 11.00
C ASP A 158 -15.61 5.85 10.08
N ILE A 159 -14.95 5.00 9.30
CA ILE A 159 -15.66 4.09 8.45
C ILE A 159 -16.44 3.11 9.30
N LEU A 160 -15.77 2.54 10.27
CA LEU A 160 -16.49 1.61 11.24
C LEU A 160 -17.80 2.28 11.79
N TYR A 161 -17.72 3.49 12.36
CA TYR A 161 -18.91 4.10 12.96
C TYR A 161 -19.94 4.37 11.89
N GLU A 162 -19.53 4.90 10.74
CA GLU A 162 -20.48 5.22 9.67
C GLU A 162 -21.27 4.01 9.20
N GLU A 163 -20.53 2.97 8.88
CA GLU A 163 -21.12 1.79 8.26
C GLU A 163 -21.93 0.93 9.23
N THR A 164 -21.48 0.84 10.48
CA THR A 164 -22.26 0.04 11.44
C THR A 164 -23.56 0.74 11.82
N GLY A 165 -23.49 2.07 11.98
CA GLY A 165 -24.67 2.87 12.38
C GLY A 165 -25.77 2.84 11.32
N LYS A 166 -25.43 3.16 10.08
CA LYS A 166 -26.46 3.11 9.05
C LYS A 166 -26.97 1.70 8.79
N ASN A 167 -26.24 0.64 9.14
CA ASN A 167 -26.74 -0.75 8.90
C ASN A 167 -27.19 -1.49 10.15
N ASN A 168 -27.38 -0.77 11.25
CA ASN A 168 -27.85 -1.38 12.49
C ASN A 168 -27.00 -2.57 12.96
N LEU A 169 -25.70 -2.38 12.93
CA LEU A 169 -24.71 -3.34 13.40
C LEU A 169 -24.02 -2.75 14.63
N THR A 170 -23.59 -3.60 15.56
CA THR A 170 -22.78 -3.16 16.69
C THR A 170 -21.33 -3.18 16.32
N TRP A 171 -20.52 -2.45 17.08
CA TRP A 171 -19.09 -2.32 16.75
C TRP A 171 -18.26 -2.31 18.03
N SER A 172 -16.99 -2.64 17.88
CA SER A 172 -16.03 -2.45 18.92
C SER A 172 -14.74 -2.02 18.29
N VAL A 173 -13.96 -1.21 19.01
CA VAL A 173 -12.63 -0.85 18.62
C VAL A 173 -11.67 -1.37 19.69
N HIS A 174 -10.64 -2.10 19.28
CA HIS A 174 -9.70 -2.69 20.20
C HIS A 174 -8.39 -2.09 19.99
N ARG A 175 -7.75 -1.63 21.06
CA ARG A 175 -6.44 -0.97 20.98
C ARG A 175 -5.41 -1.74 21.75
N PRO A 176 -4.92 -2.84 21.17
CA PRO A 176 -3.93 -3.58 21.90
C PRO A 176 -2.58 -2.83 22.07
N ALA A 177 -1.91 -3.25 23.12
CA ALA A 177 -0.53 -2.92 23.36
C ALA A 177 0.33 -3.83 22.45
N LEU A 178 1.63 -3.68 22.55
CA LEU A 178 2.57 -4.48 21.85
C LEU A 178 2.19 -5.93 22.00
N VAL A 179 2.08 -6.66 20.89
CA VAL A 179 1.59 -8.04 20.92
C VAL A 179 2.70 -9.08 21.05
N PHE A 180 2.49 -10.00 22.01
CA PHE A 180 3.29 -11.20 22.14
C PHE A 180 2.55 -12.33 21.47
N GLY A 181 3.13 -12.83 20.37
CA GLY A 181 2.46 -13.83 19.56
C GLY A 181 3.46 -14.70 18.83
N PHE A 182 2.93 -15.52 17.93
CA PHE A 182 3.71 -16.63 17.36
C PHE A 182 3.78 -16.67 15.82
N SER A 183 3.01 -15.83 15.14
CA SER A 183 2.98 -15.87 13.68
C SER A 183 4.33 -15.49 13.03
N PRO A 184 4.85 -16.36 12.16
CA PRO A 184 6.03 -16.01 11.41
C PRO A 184 5.67 -15.16 10.17
N CYS A 185 4.40 -14.83 9.96
CA CYS A 185 3.91 -14.08 8.78
C CYS A 185 3.54 -12.64 9.12
N SER A 186 3.92 -12.16 10.29
CA SER A 186 3.45 -10.87 10.74
C SER A 186 4.48 -9.88 10.29
N MET A 187 4.05 -8.64 10.13
CA MET A 187 4.96 -7.53 9.83
C MET A 187 5.49 -6.89 11.08
N MET A 188 4.98 -7.30 12.24
CA MET A 188 5.38 -6.69 13.54
C MET A 188 5.21 -7.73 14.64
N ASN A 189 6.18 -8.62 14.75
CA ASN A 189 6.17 -9.68 15.77
C ASN A 189 7.46 -9.51 16.55
N ILE A 190 7.36 -8.86 17.71
CA ILE A 190 8.51 -8.64 18.57
C ILE A 190 9.17 -9.91 19.09
N VAL A 191 8.39 -10.87 19.57
CA VAL A 191 8.99 -12.06 20.09
C VAL A 191 9.77 -12.87 18.99
N SER A 192 9.18 -13.16 17.83
CA SER A 192 9.90 -13.85 16.80
C SER A 192 11.10 -13.03 16.38
N THR A 193 10.94 -11.73 16.27
CA THR A 193 12.10 -10.87 15.97
C THR A 193 13.22 -11.11 16.98
N LEU A 194 12.90 -11.15 18.26
CA LEU A 194 13.99 -11.26 19.23
C LEU A 194 14.52 -12.68 19.28
N CYS A 195 13.66 -13.68 19.08
CA CYS A 195 14.10 -15.07 18.99
C CYS A 195 15.06 -15.32 17.80
N VAL A 196 14.81 -14.61 16.71
CA VAL A 196 15.64 -14.75 15.51
C VAL A 196 17.01 -14.17 15.82
N TYR A 197 17.03 -12.95 16.38
CA TYR A 197 18.28 -12.35 16.78
C TYR A 197 19.05 -13.28 17.70
N ALA A 198 18.35 -13.85 18.69
CA ALA A 198 19.02 -14.69 19.64
C ALA A 198 19.60 -15.90 18.92
N THR A 199 18.82 -16.45 17.98
CA THR A 199 19.18 -17.67 17.30
C THR A 199 20.42 -17.45 16.45
N ILE A 200 20.48 -16.31 15.78
CA ILE A 200 21.67 -15.86 15.08
C ILE A 200 22.89 -15.62 16.02
N CYS A 201 22.70 -14.99 17.18
CA CYS A 201 23.82 -14.79 18.11
C CYS A 201 24.41 -16.13 18.46
N LYS A 202 23.54 -17.06 18.80
CA LYS A 202 23.94 -18.37 19.23
C LYS A 202 24.73 -19.05 18.09
N HIS A 203 24.16 -19.06 16.91
CA HIS A 203 24.83 -19.58 15.72
C HIS A 203 26.24 -19.05 15.53
N GLU A 204 26.41 -17.74 15.67
CA GLU A 204 27.72 -17.09 15.44
C GLU A 204 28.58 -17.01 16.69
N ASN A 205 28.30 -17.85 17.70
CA ASN A 205 28.95 -17.76 19.01
C ASN A 205 29.16 -16.37 19.58
N LYS A 206 28.14 -15.53 19.48
CA LYS A 206 28.18 -14.23 20.12
C LYS A 206 27.21 -14.22 21.29
N ALA A 207 27.40 -13.22 22.15
CA ALA A 207 26.50 -13.01 23.29
C ALA A 207 25.22 -12.27 22.84
N LEU A 208 24.16 -12.43 23.63
CA LEU A 208 22.90 -11.70 23.41
C LEU A 208 23.10 -10.31 23.87
N VAL A 209 23.51 -9.44 22.93
CA VAL A 209 23.89 -8.08 23.28
C VAL A 209 22.70 -7.16 23.07
N TYR A 210 22.30 -6.45 24.12
CA TYR A 210 21.17 -5.54 24.03
C TYR A 210 21.56 -4.29 23.27
N PRO A 211 20.83 -3.97 22.17
CA PRO A 211 21.14 -2.80 21.31
C PRO A 211 20.38 -1.51 21.61
N GLY A 212 19.46 -1.54 22.56
CA GLY A 212 18.51 -0.44 22.73
C GLY A 212 18.92 0.68 23.65
N SER A 213 18.00 1.60 23.92
CA SER A 213 18.26 2.73 24.79
C SER A 213 18.22 2.40 26.29
N LYS A 214 18.83 3.29 27.06
CA LYS A 214 18.84 3.20 28.50
C LYS A 214 17.38 3.18 29.02
N ASN A 215 16.58 4.10 28.52
CA ASN A 215 15.23 4.27 29.00
C ASN A 215 14.36 3.08 28.76
N SER A 216 14.52 2.41 27.62
CA SER A 216 13.67 1.26 27.29
C SER A 216 14.09 0.04 28.06
N TRP A 217 15.36 0.02 28.52
CA TRP A 217 15.89 -1.02 29.38
C TRP A 217 15.27 -0.94 30.77
N ASN A 218 15.17 0.28 31.29
CA ASN A 218 14.80 0.57 32.67
C ASN A 218 13.33 0.94 32.91
N CYS A 219 12.62 1.39 31.89
CA CYS A 219 11.26 1.90 32.10
C CYS A 219 10.26 0.75 32.21
N TYR A 220 9.06 1.05 32.71
CA TYR A 220 7.97 0.05 32.71
C TYR A 220 7.37 0.01 31.31
N ALA A 221 6.98 -1.20 30.90
CA ALA A 221 6.42 -1.42 29.59
C ALA A 221 5.28 -2.41 29.74
N ASP A 222 4.39 -2.47 28.76
CA ASP A 222 3.35 -3.47 28.77
C ASP A 222 3.13 -4.06 27.40
N ALA A 223 2.43 -5.19 27.40
CA ALA A 223 2.26 -5.96 26.20
C ALA A 223 0.97 -6.73 26.31
N VAL A 224 0.59 -7.37 25.21
CA VAL A 224 -0.56 -8.28 25.23
C VAL A 224 -0.28 -9.59 24.50
N ASP A 225 -0.67 -10.70 25.12
CA ASP A 225 -0.60 -11.98 24.52
C ASP A 225 -1.70 -12.04 23.39
N ALA A 226 -1.36 -12.63 22.25
CA ALA A 226 -2.26 -12.72 21.11
C ALA A 226 -3.57 -13.41 21.41
N ASP A 227 -3.50 -14.46 22.22
CA ASP A 227 -4.68 -15.18 22.61
C ASP A 227 -5.55 -14.34 23.45
N LEU A 228 -4.95 -13.50 24.29
CA LEU A 228 -5.80 -12.62 25.12
C LEU A 228 -6.49 -11.62 24.26
N VAL A 229 -5.79 -11.07 23.25
CA VAL A 229 -6.46 -10.14 22.32
C VAL A 229 -7.64 -10.88 21.65
N ALA A 230 -7.39 -12.10 21.23
CA ALA A 230 -8.52 -12.86 20.62
C ALA A 230 -9.69 -13.01 21.60
N GLU A 231 -9.40 -13.37 22.82
CA GLU A 231 -10.45 -13.47 23.84
C GLU A 231 -11.15 -12.15 24.06
N HIS A 232 -10.38 -11.07 24.06
CA HIS A 232 -10.98 -9.77 24.29
C HIS A 232 -11.92 -9.38 23.15
N GLU A 233 -11.48 -9.66 21.93
CA GLU A 233 -12.27 -9.39 20.74
C GLU A 233 -13.55 -10.29 20.69
N ILE A 234 -13.39 -11.56 21.02
CA ILE A 234 -14.52 -12.47 21.07
C ILE A 234 -15.52 -12.01 22.13
N TRP A 235 -15.02 -11.60 23.29
CA TRP A 235 -15.87 -11.03 24.34
C TRP A 235 -16.73 -9.86 23.87
N ALA A 236 -16.08 -8.88 23.18
CA ALA A 236 -16.79 -7.73 22.70
C ALA A 236 -17.77 -8.06 21.59
N ALA A 237 -17.52 -9.15 20.89
CA ALA A 237 -18.35 -9.58 19.82
C ALA A 237 -19.62 -10.25 20.33
N VAL A 238 -19.55 -10.94 21.46
CA VAL A 238 -20.74 -11.62 21.97
C VAL A 238 -21.41 -11.05 23.24
N ASP A 239 -20.71 -10.30 24.08
CA ASP A 239 -21.31 -9.81 25.34
C ASP A 239 -21.96 -8.46 25.11
N PRO A 240 -23.29 -8.35 25.28
CA PRO A 240 -23.95 -7.05 25.08
C PRO A 240 -23.35 -5.92 25.92
N LYS A 241 -22.84 -6.23 27.11
CA LYS A 241 -22.25 -5.17 27.91
C LYS A 241 -21.09 -4.50 27.25
N ALA A 242 -20.44 -5.16 26.31
CA ALA A 242 -19.22 -4.61 25.69
C ALA A 242 -19.44 -3.87 24.37
N LYS A 243 -20.68 -3.81 23.89
CA LYS A 243 -20.96 -3.40 22.54
C LYS A 243 -20.78 -1.93 22.34
N ASN A 244 -20.31 -1.54 21.17
CA ASN A 244 -20.16 -0.13 20.83
C ASN A 244 -19.29 0.56 21.83
N GLN A 245 -18.10 0.00 22.04
CA GLN A 245 -17.11 0.58 22.98
C GLN A 245 -15.75 0.55 22.33
N VAL A 246 -14.98 1.58 22.63
CA VAL A 246 -13.57 1.57 22.37
C VAL A 246 -12.90 0.98 23.60
N LEU A 247 -11.97 0.05 23.38
CA LEU A 247 -11.39 -0.76 24.48
C LEU A 247 -9.94 -1.03 24.29
N ASN A 248 -9.12 -0.65 25.27
CA ASN A 248 -7.71 -1.07 25.30
C ASN A 248 -7.62 -2.57 25.62
N CYS A 249 -6.50 -3.18 25.25
CA CYS A 249 -6.23 -4.59 25.52
C CYS A 249 -4.77 -4.83 25.84
N ASN A 250 -4.44 -5.09 27.10
CA ASN A 250 -3.12 -5.49 27.48
C ASN A 250 -3.19 -6.62 28.54
N ASN A 251 -2.05 -7.18 28.89
CA ASN A 251 -1.97 -8.34 29.77
C ASN A 251 -2.39 -8.06 31.23
N GLY A 252 -2.57 -6.79 31.60
CA GLY A 252 -3.00 -6.43 32.95
C GLY A 252 -1.88 -6.15 33.95
N ASP A 253 -0.64 -6.32 33.52
CA ASP A 253 0.52 -6.06 34.36
C ASP A 253 1.53 -5.18 33.60
N VAL A 254 2.71 -5.00 34.18
CA VAL A 254 3.82 -4.29 33.53
C VAL A 254 5.10 -5.12 33.64
N PHE A 255 6.06 -4.86 32.77
CA PHE A 255 7.36 -5.50 32.87
C PHE A 255 8.47 -4.51 32.48
N LYS A 256 9.72 -4.97 32.58
CA LYS A 256 10.86 -4.23 32.00
C LYS A 256 11.60 -5.10 31.02
N TRP A 257 12.06 -4.49 29.92
CA TRP A 257 12.87 -5.20 28.92
C TRP A 257 14.14 -5.79 29.52
N LYS A 258 14.70 -5.09 30.49
CA LYS A 258 15.84 -5.62 31.25
C LYS A 258 15.58 -7.05 31.80
N HIS A 259 14.39 -7.31 32.29
CA HIS A 259 14.12 -8.65 32.87
C HIS A 259 13.82 -9.65 31.77
N ILE A 260 13.18 -9.17 30.71
CA ILE A 260 12.87 -9.99 29.55
C ILE A 260 14.17 -10.46 28.86
N TRP A 261 15.10 -9.53 28.72
CA TRP A 261 16.42 -9.82 28.12
C TRP A 261 17.14 -10.96 28.84
N LYS A 262 17.12 -10.95 30.16
CA LYS A 262 17.68 -12.06 30.93
C LYS A 262 17.00 -13.38 30.62
N LYS A 263 15.67 -13.33 30.57
CA LYS A 263 14.91 -14.52 30.28
C LYS A 263 15.27 -15.06 28.88
N LEU A 264 15.44 -14.15 27.94
CA LEU A 264 15.71 -14.47 26.54
C LEU A 264 17.04 -15.21 26.40
N ALA A 265 18.09 -14.63 27.00
CA ALA A 265 19.38 -15.26 27.08
C ALA A 265 19.31 -16.68 27.67
N GLU A 266 18.66 -16.81 28.81
CA GLU A 266 18.51 -18.13 29.41
C GLU A 266 17.84 -19.11 28.45
N GLU A 267 16.72 -18.71 27.82
CA GLU A 267 15.96 -19.60 26.93
C GLU A 267 16.78 -20.12 25.73
N PHE A 268 17.81 -19.38 25.35
CA PHE A 268 18.71 -19.78 24.27
C PHE A 268 20.09 -20.31 24.76
N GLY A 269 20.26 -20.40 26.07
CA GLY A 269 21.54 -20.84 26.68
C GLY A 269 22.75 -20.05 26.20
N ILE A 270 22.62 -18.74 26.11
CA ILE A 270 23.75 -17.90 25.74
C ILE A 270 23.96 -16.82 26.77
N GLU A 271 25.16 -16.26 26.76
CA GLU A 271 25.53 -15.22 27.68
C GLU A 271 24.80 -13.95 27.23
N MET A 272 24.45 -13.12 28.20
CA MET A 272 23.80 -11.85 27.98
C MET A 272 24.76 -10.70 28.21
N VAL A 273 24.70 -9.68 27.36
CA VAL A 273 25.30 -8.40 27.69
C VAL A 273 24.14 -7.39 27.76
N GLY A 274 23.83 -6.94 28.96
CA GLY A 274 22.75 -5.98 29.17
C GLY A 274 23.10 -4.58 28.72
N TYR A 275 22.27 -3.62 29.11
CA TYR A 275 22.52 -2.22 28.84
C TYR A 275 23.78 -1.79 29.59
N VAL A 276 24.58 -0.98 28.92
CA VAL A 276 25.87 -0.51 29.43
C VAL A 276 25.81 1.00 29.55
N GLU A 277 26.03 1.49 30.75
CA GLU A 277 25.90 2.90 31.04
C GLU A 277 26.71 3.80 30.07
N GLY A 278 26.05 4.77 29.46
CA GLY A 278 26.70 5.61 28.48
C GLY A 278 26.70 5.06 27.06
N LYS A 279 26.57 3.75 26.89
CA LYS A 279 26.51 3.22 25.53
C LYS A 279 25.13 3.62 24.92
N GLU A 280 25.14 4.03 23.66
CA GLU A 280 23.94 4.58 22.99
C GLU A 280 23.28 3.54 22.09
N GLN A 281 22.00 3.75 21.77
CA GLN A 281 21.24 2.75 21.02
C GLN A 281 21.98 2.43 19.71
N VAL A 282 22.10 1.16 19.35
CA VAL A 282 22.49 0.81 17.96
C VAL A 282 21.31 0.18 17.24
N SER A 283 21.29 0.33 15.93
CA SER A 283 20.21 -0.22 15.14
C SER A 283 20.39 -1.71 14.92
N LEU A 284 19.48 -2.49 15.50
CA LEU A 284 19.36 -3.90 15.18
C LEU A 284 19.11 -4.20 13.69
N ALA A 285 18.30 -3.36 13.04
CA ALA A 285 18.13 -3.46 11.58
C ALA A 285 19.50 -3.48 10.87
N GLU A 286 20.38 -2.56 11.22
CA GLU A 286 21.73 -2.50 10.64
C GLU A 286 22.60 -3.68 11.03
N LEU A 287 22.55 -4.11 12.30
CA LEU A 287 23.34 -5.27 12.73
C LEU A 287 22.98 -6.53 11.96
N MET A 288 21.74 -6.62 11.50
CA MET A 288 21.24 -7.83 10.87
C MET A 288 21.06 -7.66 9.35
N LYS A 289 21.58 -6.53 8.83
CA LYS A 289 21.39 -6.09 7.44
C LYS A 289 21.59 -7.18 6.36
N ASP A 290 22.57 -8.07 6.51
CA ASP A 290 22.77 -9.07 5.46
C ASP A 290 22.98 -10.44 6.08
N LYS A 291 22.01 -10.82 6.90
CA LYS A 291 22.05 -12.08 7.59
C LYS A 291 21.16 -13.09 6.94
N ASP A 292 20.56 -12.74 5.82
CA ASP A 292 19.50 -13.61 5.24
C ASP A 292 19.96 -15.00 4.90
N GLN A 293 21.23 -15.16 4.54
CA GLN A 293 21.72 -16.50 4.17
C GLN A 293 22.04 -17.30 5.40
N VAL A 294 22.54 -16.60 6.43
CA VAL A 294 22.66 -17.22 7.75
C VAL A 294 21.30 -17.80 8.18
N TRP A 295 20.26 -16.98 8.09
CA TRP A 295 18.93 -17.44 8.46
C TRP A 295 18.57 -18.67 7.60
N ASP A 296 18.63 -18.52 6.27
CA ASP A 296 18.41 -19.66 5.32
C ASP A 296 19.14 -20.95 5.74
N GLU A 297 20.43 -20.83 6.10
CA GLU A 297 21.18 -21.98 6.65
C GLU A 297 20.58 -22.57 7.92
N ILE A 298 20.30 -21.68 8.90
CA ILE A 298 19.73 -22.12 10.18
C ILE A 298 18.43 -22.83 9.88
N VAL A 299 17.62 -22.25 8.98
CA VAL A 299 16.34 -22.90 8.58
C VAL A 299 16.50 -24.35 8.07
N LYS A 300 17.38 -24.53 7.09
CA LYS A 300 17.62 -25.85 6.47
C LYS A 300 18.26 -26.79 7.49
N LYS A 301 19.26 -26.28 8.18
CA LYS A 301 19.95 -27.03 9.22
C LYS A 301 19.05 -27.60 10.30
N ASN A 302 18.05 -26.84 10.74
CA ASN A 302 17.21 -27.26 11.85
C ASN A 302 15.90 -27.81 11.34
N ASN A 303 15.76 -27.88 10.02
CA ASN A 303 14.54 -28.33 9.38
C ASN A 303 13.33 -27.53 9.89
N LEU A 304 13.48 -26.22 9.88
CA LEU A 304 12.43 -25.28 10.27
C LEU A 304 11.40 -25.11 9.15
N VAL A 305 10.23 -24.60 9.50
CA VAL A 305 9.31 -24.08 8.52
C VAL A 305 10.12 -23.03 7.74
N PRO A 306 10.10 -23.10 6.41
CA PRO A 306 10.92 -22.15 5.66
C PRO A 306 10.33 -20.75 5.74
N THR A 307 11.12 -19.81 6.22
CA THR A 307 10.76 -18.43 6.29
C THR A 307 11.95 -17.64 5.77
N LYS A 308 11.70 -16.53 5.10
CA LYS A 308 12.74 -15.53 4.81
C LYS A 308 12.95 -14.62 6.00
N LEU A 309 14.19 -14.17 6.17
CA LEU A 309 14.56 -13.32 7.29
C LEU A 309 13.60 -12.15 7.46
N LYS A 310 13.33 -11.42 6.37
CA LYS A 310 12.44 -10.24 6.42
C LYS A 310 10.99 -10.56 6.82
N GLU A 311 10.61 -11.82 6.77
CA GLU A 311 9.25 -12.23 7.09
C GLU A 311 9.02 -12.56 8.56
N ILE A 312 9.92 -13.36 9.13
CA ILE A 312 9.77 -13.75 10.54
C ILE A 312 10.16 -12.59 11.43
N ALA A 313 11.11 -11.77 10.98
CA ALA A 313 11.67 -10.71 11.79
C ALA A 313 11.37 -9.33 11.26
N ALA A 314 11.27 -8.40 12.21
CA ALA A 314 11.01 -7.01 11.93
C ALA A 314 11.98 -6.18 12.79
N PHE A 315 13.26 -6.26 12.46
CA PHE A 315 14.28 -5.65 13.31
C PHE A 315 14.07 -4.15 13.46
N TRP A 316 13.52 -3.51 12.43
CA TRP A 316 13.12 -2.10 12.51
C TRP A 316 12.19 -1.81 13.69
N PHE A 317 11.33 -2.78 14.00
CA PHE A 317 10.26 -2.62 14.97
C PHE A 317 10.84 -2.79 16.38
N ALA A 318 11.78 -3.72 16.54
CA ALA A 318 12.46 -3.84 17.82
C ALA A 318 13.16 -2.52 18.12
N ASP A 319 13.71 -1.89 17.08
CA ASP A 319 14.38 -0.59 17.25
C ASP A 319 13.47 0.45 17.85
N ILE A 320 12.26 0.54 17.31
CA ILE A 320 11.26 1.41 17.87
C ILE A 320 10.90 1.01 19.34
N ALA A 321 10.64 -0.27 19.60
CA ALA A 321 10.32 -0.68 20.99
C ALA A 321 11.42 -0.26 21.93
N PHE A 322 12.66 -0.30 21.44
CA PHE A 322 13.82 0.02 22.28
C PHE A 322 14.23 1.47 22.28
N CYS A 323 13.45 2.37 21.70
CA CYS A 323 13.58 3.76 22.08
C CYS A 323 12.23 4.28 22.56
N SER A 324 11.36 3.40 23.07
CA SER A 324 10.04 3.89 23.50
C SER A 324 9.93 3.85 25.02
N GLU A 325 9.12 4.73 25.56
CA GLU A 325 8.86 4.70 26.98
C GLU A 325 7.58 5.43 27.24
N ASN A 326 7.02 5.19 28.40
CA ASN A 326 5.87 5.95 28.90
C ASN A 326 4.63 5.65 28.09
N LEU A 327 4.51 4.41 27.63
CA LEU A 327 3.38 4.05 26.76
C LEU A 327 2.32 3.15 27.40
N ILE A 328 2.36 3.00 28.73
CA ILE A 328 1.46 2.10 29.44
C ILE A 328 0.02 2.49 29.14
N SER A 329 -0.84 1.49 28.95
CA SER A 329 -2.27 1.70 28.71
C SER A 329 -3.07 1.10 29.86
N SER A 330 -4.24 1.67 30.13
CA SER A 330 -5.06 1.19 31.25
C SER A 330 -6.07 0.16 30.79
N MET A 331 -6.22 -0.88 31.59
CA MET A 331 -7.31 -1.86 31.43
C MET A 331 -8.50 -1.66 32.32
N ASN A 332 -8.61 -0.53 33.01
CA ASN A 332 -9.74 -0.34 33.92
C ASN A 332 -11.10 -0.42 33.25
N LYS A 333 -11.23 0.17 32.08
CA LYS A 333 -12.55 0.15 31.42
C LYS A 333 -13.05 -1.26 31.17
N SER A 334 -12.20 -2.10 30.60
CA SER A 334 -12.55 -3.44 30.26
C SER A 334 -12.93 -4.23 31.50
N LYS A 335 -12.12 -4.08 32.55
CA LYS A 335 -12.38 -4.68 33.82
C LYS A 335 -13.65 -4.24 34.48
N GLU A 336 -13.99 -2.96 34.37
CA GLU A 336 -15.21 -2.45 34.99
C GLU A 336 -16.42 -2.94 34.18
N LEU A 337 -16.22 -3.24 32.91
CA LEU A 337 -17.26 -3.91 32.07
C LEU A 337 -17.34 -5.43 32.31
N GLY A 338 -16.46 -5.97 33.15
CA GLY A 338 -16.51 -7.41 33.45
C GLY A 338 -15.54 -8.33 32.75
N PHE A 339 -14.70 -7.81 31.85
CA PHE A 339 -13.66 -8.65 31.26
C PHE A 339 -12.47 -8.74 32.23
N LEU A 340 -12.23 -9.92 32.78
CA LEU A 340 -11.13 -10.05 33.74
C LEU A 340 -9.97 -10.93 33.23
N GLY A 341 -9.91 -11.16 31.91
CA GLY A 341 -8.81 -11.90 31.31
C GLY A 341 -7.49 -11.16 31.58
N PHE A 342 -6.43 -11.91 31.72
CA PHE A 342 -5.11 -11.32 32.01
C PHE A 342 -4.11 -12.40 31.65
N ARG A 343 -2.85 -11.99 31.58
CA ARG A 343 -1.72 -12.89 31.54
C ARG A 343 -0.53 -12.28 32.33
N ASN A 344 0.30 -13.14 32.90
CA ASN A 344 1.66 -12.80 33.40
C ASN A 344 2.55 -12.55 32.16
N SER A 345 2.97 -11.31 31.94
CA SER A 345 3.71 -10.96 30.75
C SER A 345 5.03 -11.73 30.61
N MET A 346 5.75 -11.97 31.72
CA MET A 346 7.01 -12.76 31.66
C MET A 346 6.72 -14.18 31.17
N LYS A 347 5.67 -14.76 31.71
CA LYS A 347 5.22 -16.06 31.27
C LYS A 347 4.65 -16.13 29.85
N SER A 348 3.94 -15.09 29.43
CA SER A 348 3.38 -14.99 28.08
C SER A 348 4.55 -14.94 27.06
N PHE A 349 5.62 -14.26 27.41
CA PHE A 349 6.77 -14.12 26.53
C PHE A 349 7.38 -15.51 26.33
N VAL A 350 7.64 -16.19 27.42
CA VAL A 350 8.24 -17.51 27.37
C VAL A 350 7.34 -18.47 26.59
N SER A 351 6.06 -18.28 26.74
CA SER A 351 5.07 -19.15 26.12
C SER A 351 5.07 -18.94 24.63
N CYS A 352 5.26 -17.71 24.16
CA CYS A 352 5.45 -17.43 22.75
C CYS A 352 6.69 -18.08 22.23
N ILE A 353 7.78 -18.00 22.99
CA ILE A 353 8.99 -18.69 22.59
C ILE A 353 8.71 -20.18 22.40
N ASP A 354 8.03 -20.79 23.40
CA ASP A 354 7.81 -22.24 23.36
C ASP A 354 6.99 -22.58 22.17
N LYS A 355 5.97 -21.77 21.88
CA LYS A 355 5.02 -22.10 20.82
C LYS A 355 5.66 -22.00 19.42
N MET A 356 6.53 -21.03 19.27
CA MET A 356 7.27 -20.90 18.02
C MET A 356 8.27 -22.05 17.81
N ARG A 357 8.77 -22.62 18.91
CA ARG A 357 9.62 -23.81 18.86
C ARG A 357 8.77 -25.01 18.52
N ASP A 358 7.71 -25.15 19.30
CA ASP A 358 6.68 -26.15 19.06
C ASP A 358 6.30 -26.20 17.57
N TYR A 359 5.92 -25.07 16.97
CA TYR A 359 5.46 -25.05 15.60
C TYR A 359 6.58 -25.13 14.57
N ARG A 360 7.82 -25.13 15.06
CA ARG A 360 9.04 -25.26 14.25
C ARG A 360 9.41 -24.01 13.42
N PHE A 361 9.03 -22.84 13.91
CA PHE A 361 9.44 -21.58 13.28
C PHE A 361 10.85 -21.22 13.72
N ILE A 362 11.25 -21.69 14.89
CA ILE A 362 12.60 -21.37 15.38
C ILE A 362 13.15 -22.65 16.02
N PRO A 363 14.48 -22.76 16.15
CA PRO A 363 15.10 -24.01 16.68
C PRO A 363 14.71 -24.38 18.10
N ALA A 364 14.56 -25.67 18.37
CA ALA A 364 14.26 -26.18 19.70
C ALA A 364 15.47 -26.03 20.63
N SER A 365 15.19 -25.94 21.94
CA SER A 365 16.20 -25.94 23.03
C SER A 365 16.79 -24.55 23.31
N SER B 2 15.62 2.73 8.88
CA SER B 2 16.64 2.17 7.95
C SER B 2 16.04 1.27 6.86
N TYR B 3 16.58 1.39 5.66
CA TYR B 3 15.91 0.90 4.45
C TYR B 3 16.84 0.16 3.54
N LYS B 4 16.27 -0.67 2.66
CA LYS B 4 17.09 -1.35 1.66
C LYS B 4 17.33 -0.44 0.45
N SER B 5 16.29 0.27 0.01
CA SER B 5 16.41 1.10 -1.18
C SER B 5 15.76 2.41 -0.90
N VAL B 6 16.22 3.44 -1.61
CA VAL B 6 15.76 4.81 -1.44
C VAL B 6 15.44 5.43 -2.80
N ALA B 7 14.15 5.70 -3.03
CA ALA B 7 13.64 6.11 -4.30
C ALA B 7 13.47 7.62 -4.32
N LEU B 8 13.89 8.24 -5.41
CA LEU B 8 13.48 9.62 -5.73
C LEU B 8 12.42 9.50 -6.81
N VAL B 9 11.20 9.86 -6.52
CA VAL B 9 10.10 9.80 -7.51
C VAL B 9 9.87 11.23 -7.96
N VAL B 10 10.42 11.56 -9.14
CA VAL B 10 10.21 12.91 -9.70
C VAL B 10 8.91 12.95 -10.44
N GLY B 11 7.94 13.68 -9.89
CA GLY B 11 6.56 13.69 -10.39
C GLY B 11 5.59 12.84 -9.53
N VAL B 12 5.71 13.01 -8.21
CA VAL B 12 4.98 12.15 -7.25
C VAL B 12 3.48 12.36 -7.24
N THR B 13 3.02 13.54 -7.72
CA THR B 13 1.58 13.80 -7.78
C THR B 13 0.96 13.30 -9.12
N GLY B 14 1.82 12.81 -10.01
CA GLY B 14 1.38 12.42 -11.34
C GLY B 14 0.64 11.08 -11.37
N ILE B 15 0.20 10.70 -12.55
CA ILE B 15 -0.66 9.56 -12.69
C ILE B 15 0.16 8.30 -12.36
N VAL B 16 1.45 8.30 -12.68
CA VAL B 16 2.29 7.19 -12.33
C VAL B 16 3.00 7.38 -10.99
N GLY B 17 3.56 8.55 -10.79
CA GLY B 17 4.25 8.85 -9.52
C GLY B 17 3.38 8.60 -8.27
N SER B 18 2.09 8.91 -8.34
CA SER B 18 1.20 8.69 -7.23
C SER B 18 0.98 7.17 -6.96
N SER B 19 1.14 6.36 -7.99
CA SER B 19 1.06 4.91 -7.89
C SER B 19 2.33 4.35 -7.33
N LEU B 20 3.45 4.87 -7.79
CA LEU B 20 4.74 4.47 -7.22
C LEU B 20 4.78 4.75 -5.71
N ALA B 21 4.16 5.87 -5.28
CA ALA B 21 4.16 6.24 -3.91
C ALA B 21 3.41 5.19 -3.08
N GLU B 22 2.45 4.50 -3.67
CA GLU B 22 1.71 3.42 -3.00
C GLU B 22 2.43 2.10 -3.11
N VAL B 23 2.82 1.75 -4.33
CA VAL B 23 3.42 0.47 -4.62
C VAL B 23 4.79 0.30 -3.99
N LEU B 24 5.59 1.37 -3.97
CA LEU B 24 6.92 1.25 -3.33
C LEU B 24 6.88 0.96 -1.83
N LYS B 25 5.77 1.28 -1.18
CA LYS B 25 5.65 1.06 0.25
C LYS B 25 4.97 -0.26 0.62
N LEU B 26 4.64 -1.11 -0.35
CA LEU B 26 4.12 -2.44 -0.04
C LEU B 26 5.25 -3.35 0.49
N PRO B 27 4.98 -4.15 1.53
CA PRO B 27 5.99 -5.05 2.10
C PRO B 27 6.59 -6.06 1.12
N ASP B 28 5.80 -6.61 0.19
CA ASP B 28 6.33 -7.57 -0.76
C ASP B 28 7.08 -6.94 -1.97
N THR B 29 7.15 -5.62 -2.04
CA THR B 29 7.72 -4.99 -3.24
C THR B 29 9.21 -5.25 -3.45
N PRO B 30 9.58 -5.74 -4.65
CA PRO B 30 11.00 -5.95 -4.92
C PRO B 30 11.87 -4.75 -4.51
N GLY B 31 12.98 -5.05 -3.84
CA GLY B 31 13.95 -4.05 -3.40
C GLY B 31 13.64 -3.35 -2.08
N GLY B 32 12.47 -3.61 -1.50
CA GLY B 32 12.05 -3.02 -0.26
C GLY B 32 12.80 -3.57 0.96
N PRO B 33 12.60 -2.98 2.13
CA PRO B 33 11.76 -1.81 2.32
C PRO B 33 12.36 -0.53 1.65
N TRP B 34 11.46 0.30 1.11
CA TRP B 34 11.79 1.48 0.31
C TRP B 34 11.46 2.69 1.13
N LYS B 35 12.42 3.59 1.18
CA LYS B 35 12.14 4.97 1.58
C LYS B 35 11.79 5.74 0.30
N VAL B 36 10.84 6.67 0.40
CA VAL B 36 10.38 7.42 -0.75
C VAL B 36 10.37 8.96 -0.58
N TYR B 37 11.26 9.62 -1.34
CA TYR B 37 11.19 11.05 -1.62
C TYR B 37 10.39 11.33 -2.88
N GLY B 38 9.40 12.19 -2.76
CA GLY B 38 8.50 12.51 -3.84
C GLY B 38 8.66 13.98 -4.13
N VAL B 39 9.00 14.30 -5.38
CA VAL B 39 9.11 15.67 -5.87
C VAL B 39 7.94 16.08 -6.78
N ALA B 40 7.43 17.27 -6.53
CA ALA B 40 6.48 17.90 -7.41
C ALA B 40 6.58 19.41 -7.17
N ARG B 41 5.89 20.20 -8.00
CA ARG B 41 6.04 21.65 -7.98
C ARG B 41 5.08 22.31 -7.02
N ARG B 42 3.81 21.93 -7.09
CA ARG B 42 2.78 22.43 -6.17
C ARG B 42 3.07 22.08 -4.70
N PRO B 43 2.37 22.74 -3.77
CA PRO B 43 2.50 22.29 -2.40
C PRO B 43 1.77 20.97 -2.24
N CYS B 44 2.26 20.13 -1.34
CA CYS B 44 1.73 18.80 -1.13
C CYS B 44 0.25 18.86 -0.97
N PRO B 45 -0.51 18.20 -1.85
CA PRO B 45 -1.96 18.31 -1.66
C PRO B 45 -2.42 17.39 -0.50
N VAL B 46 -3.64 17.60 -0.01
CA VAL B 46 -4.07 17.01 1.26
C VAL B 46 -3.94 15.50 1.20
N TRP B 47 -4.50 14.92 0.14
CA TRP B 47 -4.50 13.48 -0.04
C TRP B 47 -3.13 12.81 0.04
N LEU B 48 -2.11 13.53 -0.42
CA LEU B 48 -0.77 13.00 -0.41
C LEU B 48 -0.08 13.17 0.94
N ALA B 49 -0.51 14.15 1.70
CA ALA B 49 0.09 14.33 3.02
C ALA B 49 -0.21 13.12 3.97
N LYS B 50 -1.26 12.34 3.66
CA LYS B 50 -1.56 11.17 4.45
C LYS B 50 -0.88 9.92 3.93
N LYS B 51 0.11 10.09 3.07
CA LYS B 51 0.96 8.97 2.65
C LYS B 51 2.36 9.05 3.23
N PRO B 52 2.97 7.90 3.52
CA PRO B 52 4.37 7.91 4.01
C PRO B 52 5.41 8.20 2.91
N VAL B 53 5.34 9.37 2.30
CA VAL B 53 6.36 9.82 1.36
C VAL B 53 6.93 11.14 1.91
N GLU B 54 8.24 11.32 1.82
CA GLU B 54 8.82 12.59 2.15
C GLU B 54 8.69 13.55 0.95
N TYR B 55 7.80 14.50 1.06
CA TYR B 55 7.47 15.38 -0.06
C TYR B 55 8.47 16.51 -0.15
N ILE B 56 9.07 16.70 -1.33
CA ILE B 56 9.96 17.82 -1.59
C ILE B 56 9.26 18.67 -2.62
N GLN B 57 8.83 19.84 -2.21
CA GLN B 57 8.27 20.82 -3.11
C GLN B 57 9.45 21.49 -3.80
N CYS B 58 9.48 21.35 -5.12
CA CYS B 58 10.64 21.83 -5.86
C CYS B 58 10.26 22.04 -7.31
N ASP B 59 10.63 23.21 -7.85
CA ASP B 59 10.47 23.46 -9.28
C ASP B 59 11.69 22.89 -9.96
N VAL B 60 11.58 21.73 -10.59
CA VAL B 60 12.83 21.07 -11.05
C VAL B 60 13.39 21.71 -12.34
N SER B 61 12.63 22.61 -12.95
CA SER B 61 13.16 23.40 -14.09
C SER B 61 14.08 24.53 -13.65
N ASP B 62 14.08 24.84 -12.33
CA ASP B 62 15.02 25.83 -11.69
C ASP B 62 16.23 25.11 -11.09
N ASN B 63 17.37 25.27 -11.74
CA ASN B 63 18.60 24.61 -11.36
C ASN B 63 19.13 24.89 -9.94
N GLN B 64 19.22 26.15 -9.53
CA GLN B 64 19.67 26.47 -8.15
C GLN B 64 18.74 25.88 -7.08
N GLU B 65 17.43 25.97 -7.31
CA GLU B 65 16.44 25.42 -6.39
C GLU B 65 16.56 23.89 -6.26
N THR B 66 16.72 23.24 -7.41
CA THR B 66 16.94 21.79 -7.48
C THR B 66 18.23 21.32 -6.75
N ILE B 67 19.30 22.07 -6.98
CA ILE B 67 20.55 21.79 -6.31
C ILE B 67 20.35 21.91 -4.80
N SER B 68 19.74 22.99 -4.33
CA SER B 68 19.66 23.18 -2.90
C SER B 68 18.73 22.14 -2.26
N LYS B 69 17.65 21.77 -2.95
CA LYS B 69 16.66 20.83 -2.42
C LYS B 69 17.09 19.35 -2.56
N LEU B 70 17.83 18.98 -3.60
CA LEU B 70 18.17 17.58 -3.79
C LEU B 70 19.61 17.17 -3.42
N SER B 71 20.57 18.10 -3.41
CA SER B 71 21.97 17.75 -3.06
C SER B 71 22.13 17.16 -1.68
N PRO B 72 21.30 17.57 -0.72
CA PRO B 72 21.41 16.93 0.59
C PRO B 72 20.93 15.48 0.65
N LEU B 73 20.24 15.02 -0.38
CA LEU B 73 19.63 13.68 -0.39
C LEU B 73 20.63 12.62 -0.77
N LYS B 74 21.56 12.37 0.15
CA LYS B 74 22.71 11.52 -0.12
C LYS B 74 22.43 10.02 -0.17
N ASP B 75 21.28 9.60 0.34
CA ASP B 75 20.98 8.18 0.47
C ASP B 75 20.20 7.56 -0.76
N ILE B 76 19.92 8.35 -1.81
CA ILE B 76 19.12 7.89 -2.95
C ILE B 76 19.84 6.76 -3.66
N THR B 77 19.07 5.71 -4.00
CA THR B 77 19.64 4.60 -4.75
C THR B 77 19.03 4.45 -6.15
N HIS B 78 17.82 4.91 -6.33
CA HIS B 78 17.10 4.74 -7.60
C HIS B 78 16.29 5.98 -7.87
N ILE B 79 16.42 6.51 -9.09
CA ILE B 79 15.61 7.61 -9.52
C ILE B 79 14.52 7.09 -10.48
N PHE B 80 13.30 7.55 -10.30
CA PHE B 80 12.19 7.26 -11.21
C PHE B 80 11.74 8.59 -11.79
N TYR B 81 12.10 8.91 -13.02
CA TYR B 81 11.69 10.20 -13.57
C TYR B 81 10.36 9.96 -14.30
N VAL B 82 9.27 10.44 -13.71
CA VAL B 82 7.93 10.17 -14.21
C VAL B 82 7.23 11.51 -14.32
N SER B 83 7.87 12.44 -15.03
CA SER B 83 7.41 13.82 -15.06
C SER B 83 7.59 14.39 -16.46
N TRP B 84 6.85 15.44 -16.75
CA TRP B 84 7.15 16.32 -17.87
C TRP B 84 6.59 17.69 -17.53
N ILE B 85 7.00 18.73 -18.25
CA ILE B 85 6.55 20.06 -17.93
C ILE B 85 5.21 20.01 -18.59
N GLY B 86 4.31 20.94 -18.46
CA GLY B 86 3.04 20.60 -19.25
C GLY B 86 3.00 20.75 -20.79
N SER B 87 4.12 20.67 -21.50
CA SER B 87 4.07 20.91 -22.95
C SER B 87 5.09 20.06 -23.67
N GLU B 88 5.17 20.20 -24.99
CA GLU B 88 6.12 19.41 -25.80
C GLU B 88 7.43 20.09 -26.14
N ASP B 89 7.71 21.24 -25.52
CA ASP B 89 9.04 21.93 -25.62
C ASP B 89 10.16 20.97 -25.28
N CYS B 90 10.99 20.63 -26.26
CA CYS B 90 12.16 19.78 -26.05
C CYS B 90 13.16 20.38 -25.06
N GLN B 91 13.34 21.69 -25.10
CA GLN B 91 14.34 22.33 -24.27
C GLN B 91 13.93 22.29 -22.80
N THR B 92 12.67 22.66 -22.50
CA THR B 92 12.23 22.87 -21.13
C THR B 92 12.01 21.53 -20.41
N ASN B 93 11.48 20.53 -21.13
CA ASN B 93 11.51 19.12 -20.61
C ASN B 93 12.89 18.61 -20.32
N ALA B 94 13.83 18.93 -21.21
CA ALA B 94 15.21 18.46 -21.07
C ALA B 94 15.90 19.09 -19.86
N THR B 95 15.60 20.35 -19.60
CA THR B 95 16.17 21.06 -18.46
C THR B 95 15.83 20.36 -17.13
N MET B 96 14.58 20.03 -16.94
CA MET B 96 14.11 19.32 -15.74
C MET B 96 14.90 18.08 -15.48
N PHE B 97 15.08 17.26 -16.53
CA PHE B 97 15.77 15.98 -16.34
C PHE B 97 17.24 16.16 -16.04
N LYS B 98 17.89 17.04 -16.77
CA LYS B 98 19.33 17.39 -16.50
C LYS B 98 19.53 17.88 -15.08
N ASN B 99 18.66 18.78 -14.63
CA ASN B 99 18.73 19.29 -13.25
C ASN B 99 18.60 18.20 -12.20
N ILE B 100 17.72 17.22 -12.44
CA ILE B 100 17.64 16.05 -11.51
C ILE B 100 18.99 15.35 -11.43
N LEU B 101 19.53 14.97 -12.58
CA LEU B 101 20.75 14.15 -12.59
C LEU B 101 21.97 14.91 -12.04
N ASN B 102 22.13 16.16 -12.48
CA ASN B 102 23.24 16.99 -12.08
C ASN B 102 23.21 17.28 -10.58
N SER B 103 22.03 17.31 -10.00
CA SER B 103 21.87 17.53 -8.55
C SER B 103 22.04 16.28 -7.71
N VAL B 104 21.68 15.11 -8.26
CA VAL B 104 21.74 13.88 -7.48
C VAL B 104 23.00 13.07 -7.76
N ILE B 105 23.38 12.91 -9.02
CA ILE B 105 24.51 12.03 -9.31
C ILE B 105 25.80 12.41 -8.52
N PRO B 106 26.16 13.70 -8.45
CA PRO B 106 27.39 13.90 -7.65
C PRO B 106 27.20 13.64 -6.13
N ASN B 107 25.98 13.62 -5.63
CA ASN B 107 25.74 13.60 -4.19
C ASN B 107 25.27 12.31 -3.54
N ALA B 108 24.86 11.34 -4.34
CA ALA B 108 24.37 10.08 -3.84
C ALA B 108 25.31 8.97 -4.30
N SER B 109 26.35 8.73 -3.50
CA SER B 109 27.36 7.73 -3.83
C SER B 109 26.78 6.30 -4.00
N ASN B 110 25.60 6.03 -3.47
CA ASN B 110 25.03 4.69 -3.70
C ASN B 110 23.94 4.61 -4.77
N LEU B 111 23.89 5.61 -5.62
CA LEU B 111 23.01 5.65 -6.76
C LEU B 111 23.33 4.46 -7.63
N GLN B 112 22.30 3.80 -8.11
CA GLN B 112 22.49 2.65 -8.97
C GLN B 112 21.86 2.76 -10.33
N HIS B 113 20.64 3.28 -10.36
CA HIS B 113 19.79 3.19 -11.54
C HIS B 113 18.93 4.43 -11.74
N VAL B 114 18.72 4.79 -12.98
CA VAL B 114 17.79 5.82 -13.35
C VAL B 114 16.72 5.17 -14.26
N CYS B 115 15.44 5.26 -13.90
CA CYS B 115 14.31 4.89 -14.77
C CYS B 115 13.79 6.18 -15.39
N LEU B 116 13.67 6.19 -16.70
CA LEU B 116 13.07 7.29 -17.43
C LEU B 116 11.74 6.81 -18.04
N GLN B 117 10.65 7.51 -17.75
CA GLN B 117 9.38 7.22 -18.38
C GLN B 117 9.07 8.18 -19.52
N THR B 118 8.93 7.62 -20.71
CA THR B 118 8.49 8.35 -21.87
C THR B 118 7.14 7.76 -22.24
N GLY B 119 7.00 7.18 -23.43
CA GLY B 119 5.67 6.79 -23.94
C GLY B 119 5.60 6.29 -25.36
N ILE B 120 4.42 5.80 -25.77
CA ILE B 120 4.27 5.28 -27.11
C ILE B 120 4.26 6.34 -28.21
N LYS B 121 4.14 7.62 -27.86
CA LYS B 121 4.34 8.70 -28.87
C LYS B 121 5.66 8.57 -29.59
N HIS B 122 6.64 7.93 -28.96
CA HIS B 122 7.92 7.64 -29.61
C HIS B 122 7.78 6.99 -30.97
N TYR B 123 6.70 6.22 -31.15
CA TYR B 123 6.47 5.48 -32.38
C TYR B 123 5.59 6.19 -33.43
N PHE B 124 4.82 7.20 -33.07
CA PHE B 124 3.89 7.78 -34.01
C PHE B 124 3.89 9.30 -34.10
N GLY B 125 4.63 10.00 -33.25
CA GLY B 125 4.85 11.42 -33.42
C GLY B 125 4.31 12.18 -32.24
N ILE B 126 4.02 13.46 -32.48
CA ILE B 126 3.87 14.42 -31.39
C ILE B 126 2.46 15.05 -31.50
N PHE B 127 1.91 15.50 -30.37
CA PHE B 127 0.52 15.96 -30.35
C PHE B 127 0.22 17.19 -31.22
N GLU B 128 1.26 17.94 -31.58
CA GLU B 128 1.14 19.02 -32.57
C GLU B 128 1.94 18.69 -33.86
N GLU B 129 1.26 18.45 -34.97
CA GLU B 129 1.91 18.45 -36.31
C GLU B 129 2.91 17.33 -36.60
N VAL B 134 3.84 10.74 -40.20
CA VAL B 134 4.23 9.50 -40.91
C VAL B 134 4.65 8.41 -39.91
N PRO B 135 3.68 7.89 -39.14
CA PRO B 135 3.97 6.99 -38.01
C PRO B 135 4.43 5.61 -38.40
N HIS B 136 5.23 4.98 -37.57
CA HIS B 136 5.51 3.54 -37.72
C HIS B 136 4.20 2.75 -37.71
N ASP B 137 4.14 1.65 -38.42
CA ASP B 137 3.01 0.75 -38.32
C ASP B 137 3.18 -0.02 -36.97
N SER B 138 2.10 -0.56 -36.48
CA SER B 138 2.09 -1.26 -35.22
C SER B 138 1.83 -2.74 -35.54
N PRO B 139 2.01 -3.67 -34.60
CA PRO B 139 2.26 -3.43 -33.20
C PRO B 139 3.62 -2.84 -32.98
N PHE B 140 3.73 -1.90 -32.08
CA PHE B 140 5.04 -1.21 -31.90
C PHE B 140 5.99 -2.06 -31.08
N THR B 141 7.24 -2.12 -31.54
CA THR B 141 8.29 -2.82 -30.85
C THR B 141 9.43 -1.83 -30.56
N GLU B 142 10.16 -2.12 -29.50
CA GLU B 142 11.12 -1.21 -28.89
C GLU B 142 12.26 -0.80 -29.80
N ASP B 143 12.57 -1.69 -30.73
CA ASP B 143 13.64 -1.51 -31.70
C ASP B 143 13.34 -0.56 -32.85
N LEU B 144 12.13 -0.03 -32.94
CA LEU B 144 11.82 0.83 -34.05
C LEU B 144 12.62 2.15 -33.99
N PRO B 145 13.18 2.59 -35.14
CA PRO B 145 14.03 3.79 -35.08
C PRO B 145 13.24 5.07 -34.80
N ARG B 146 13.93 6.09 -34.31
CA ARG B 146 13.30 7.42 -34.08
C ARG B 146 12.73 8.00 -35.34
N LEU B 147 11.54 8.57 -35.24
CA LEU B 147 10.97 9.38 -36.30
C LEU B 147 11.69 10.73 -36.39
N ASN B 148 11.65 11.34 -37.57
CA ASN B 148 12.32 12.59 -37.79
C ASN B 148 11.37 13.71 -37.33
N VAL B 149 11.29 13.88 -36.01
CA VAL B 149 10.46 14.91 -35.38
C VAL B 149 11.18 15.42 -34.12
N PRO B 150 10.87 16.64 -33.70
CA PRO B 150 11.39 17.15 -32.42
C PRO B 150 10.52 16.57 -31.26
N ASN B 151 10.75 15.32 -30.92
CA ASN B 151 10.07 14.68 -29.80
C ASN B 151 11.00 14.84 -28.62
N PHE B 152 10.55 15.54 -27.57
CA PHE B 152 11.37 15.70 -26.37
C PHE B 152 11.78 14.35 -25.74
N TYR B 153 11.07 13.26 -26.07
CA TYR B 153 11.53 11.93 -25.60
C TYR B 153 12.95 11.63 -26.08
N HIS B 154 13.32 12.10 -27.28
CA HIS B 154 14.65 11.78 -27.84
C HIS B 154 15.73 12.44 -27.01
N ASP B 155 15.51 13.71 -26.67
CA ASP B 155 16.40 14.47 -25.77
C ASP B 155 16.57 13.78 -24.40
N LEU B 156 15.47 13.41 -23.80
CA LEU B 156 15.56 12.75 -22.47
C LEU B 156 16.35 11.43 -22.54
N GLU B 157 16.12 10.61 -23.57
CA GLU B 157 16.97 9.41 -23.75
C GLU B 157 18.45 9.76 -23.90
N ASP B 158 18.76 10.74 -24.75
CA ASP B 158 20.16 11.09 -24.98
C ASP B 158 20.85 11.51 -23.74
N ILE B 159 20.17 12.29 -22.89
CA ILE B 159 20.74 12.64 -21.60
C ILE B 159 20.88 11.43 -20.70
N LEU B 160 19.82 10.65 -20.62
CA LEU B 160 19.86 9.37 -19.85
C LEU B 160 21.10 8.53 -20.23
N TYR B 161 21.29 8.22 -21.51
CA TYR B 161 22.41 7.36 -21.91
C TYR B 161 23.73 8.01 -21.59
N GLU B 162 23.88 9.31 -21.90
CA GLU B 162 25.19 9.96 -21.65
C GLU B 162 25.58 9.95 -20.17
N GLU B 163 24.65 10.35 -19.32
CA GLU B 163 24.94 10.54 -17.91
C GLU B 163 25.06 9.21 -17.14
N THR B 164 24.28 8.21 -17.53
CA THR B 164 24.41 6.92 -16.84
C THR B 164 25.71 6.23 -17.23
N GLY B 165 26.07 6.32 -18.50
CA GLY B 165 27.32 5.68 -19.00
C GLY B 165 28.57 6.29 -18.36
N LYS B 166 28.65 7.62 -18.38
CA LYS B 166 29.73 8.38 -17.70
C LYS B 166 29.89 7.99 -16.25
N ASN B 167 28.77 7.72 -15.58
CA ASN B 167 28.80 7.53 -14.15
C ASN B 167 28.61 6.10 -13.69
N ASN B 168 28.75 5.14 -14.60
CA ASN B 168 28.59 3.75 -14.25
C ASN B 168 27.29 3.43 -13.52
N LEU B 169 26.19 3.96 -14.06
CA LEU B 169 24.85 3.70 -13.59
C LEU B 169 24.10 2.88 -14.66
N THR B 170 23.15 2.04 -14.25
CA THR B 170 22.27 1.36 -15.20
C THR B 170 21.05 2.23 -15.47
N TRP B 171 20.37 1.96 -16.59
CA TRP B 171 19.24 2.76 -17.01
C TRP B 171 18.15 1.86 -17.58
N SER B 172 16.94 2.36 -17.57
CA SER B 172 15.86 1.80 -18.33
C SER B 172 15.03 2.93 -18.90
N VAL B 173 14.43 2.70 -20.05
CA VAL B 173 13.46 3.58 -20.63
C VAL B 173 12.16 2.82 -20.70
N HIS B 174 11.07 3.45 -20.24
CA HIS B 174 9.77 2.79 -20.22
C HIS B 174 8.86 3.55 -21.07
N ARG B 175 8.15 2.84 -21.95
CA ARG B 175 7.22 3.50 -22.88
C ARG B 175 5.83 3.02 -22.66
N PRO B 176 5.15 3.62 -21.69
CA PRO B 176 3.82 3.09 -21.43
C PRO B 176 2.82 3.50 -22.49
N ALA B 177 1.79 2.69 -22.56
CA ALA B 177 0.62 3.01 -23.33
C ALA B 177 -0.22 4.03 -22.54
N LEU B 178 -1.41 4.35 -23.06
CA LEU B 178 -2.36 5.21 -22.38
C LEU B 178 -2.57 4.70 -20.95
N VAL B 179 -2.45 5.56 -19.95
CA VAL B 179 -2.44 5.16 -18.56
C VAL B 179 -3.81 5.24 -17.96
N PHE B 180 -4.25 4.13 -17.34
CA PHE B 180 -5.41 4.11 -16.48
C PHE B 180 -4.92 4.29 -15.01
N GLY B 181 -5.35 5.41 -14.41
CA GLY B 181 -4.87 5.80 -13.10
C GLY B 181 -5.87 6.69 -12.39
N PHE B 182 -5.46 7.17 -11.23
CA PHE B 182 -6.39 7.81 -10.28
C PHE B 182 -6.04 9.25 -9.88
N SER B 183 -4.87 9.74 -10.23
CA SER B 183 -4.46 11.05 -9.81
C SER B 183 -5.32 12.19 -10.38
N PRO B 184 -5.83 13.07 -9.49
CA PRO B 184 -6.56 14.23 -9.95
C PRO B 184 -5.64 15.41 -10.33
N CYS B 185 -4.32 15.21 -10.21
CA CYS B 185 -3.30 16.24 -10.44
C CYS B 185 -2.53 15.99 -11.73
N SER B 186 -3.02 15.09 -12.58
CA SER B 186 -2.26 14.73 -13.76
C SER B 186 -2.71 15.65 -14.86
N MET B 187 -1.83 15.85 -15.81
CA MET B 187 -2.16 16.64 -17.01
C MET B 187 -2.76 15.79 -18.12
N MET B 188 -2.79 14.45 -17.92
CA MET B 188 -3.33 13.52 -18.93
C MET B 188 -3.84 12.26 -18.27
N ASN B 189 -5.08 12.34 -17.76
CA ASN B 189 -5.71 11.22 -17.02
C ASN B 189 -7.02 10.94 -17.66
N ILE B 190 -7.03 9.95 -18.54
CA ILE B 190 -8.19 9.61 -19.30
C ILE B 190 -9.34 9.16 -18.44
N VAL B 191 -9.09 8.31 -17.45
CA VAL B 191 -10.24 7.82 -16.66
C VAL B 191 -10.89 8.96 -15.85
N SER B 192 -10.14 9.77 -15.13
CA SER B 192 -10.77 10.87 -14.42
C SER B 192 -11.48 11.81 -15.41
N THR B 193 -10.85 12.08 -16.56
CA THR B 193 -11.48 12.90 -17.55
C THR B 193 -12.84 12.33 -17.89
N LEU B 194 -12.91 11.03 -18.08
CA LEU B 194 -14.20 10.46 -18.55
C LEU B 194 -15.20 10.35 -17.42
N CYS B 195 -14.70 10.08 -16.21
CA CYS B 195 -15.55 10.11 -15.02
C CYS B 195 -16.15 11.52 -14.76
N VAL B 196 -15.36 12.56 -15.04
CA VAL B 196 -15.82 13.94 -14.88
C VAL B 196 -16.93 14.24 -15.89
N TYR B 197 -16.69 13.88 -17.13
CA TYR B 197 -17.70 14.03 -18.13
C TYR B 197 -18.95 13.30 -17.76
N ALA B 198 -18.81 12.05 -17.34
CA ALA B 198 -19.97 11.26 -16.96
C ALA B 198 -20.71 11.92 -15.79
N THR B 199 -19.94 12.45 -14.84
CA THR B 199 -20.51 13.05 -13.65
C THR B 199 -21.31 14.32 -13.98
N ILE B 200 -20.76 15.16 -14.84
CA ILE B 200 -21.48 16.32 -15.41
C ILE B 200 -22.74 15.89 -16.23
N CYS B 201 -22.67 14.84 -17.04
CA CYS B 201 -23.86 14.40 -17.75
C CYS B 201 -24.94 14.10 -16.76
N LYS B 202 -24.60 13.31 -15.76
CA LYS B 202 -25.55 12.82 -14.80
C LYS B 202 -26.18 14.03 -14.07
N HIS B 203 -25.33 14.94 -13.60
CA HIS B 203 -25.78 16.19 -12.99
C HIS B 203 -26.81 16.94 -13.83
N GLU B 204 -26.53 17.11 -15.12
CA GLU B 204 -27.42 17.87 -16.02
C GLU B 204 -28.56 17.04 -16.64
N ASN B 205 -28.85 15.86 -16.07
CA ASN B 205 -29.75 14.89 -16.67
C ASN B 205 -29.60 14.63 -18.18
N LYS B 206 -28.37 14.52 -18.64
CA LYS B 206 -28.13 14.15 -20.03
C LYS B 206 -27.57 12.74 -20.08
N ALA B 207 -27.62 12.15 -21.27
CA ALA B 207 -27.10 10.82 -21.53
C ALA B 207 -25.59 10.88 -21.71
N LEU B 208 -24.93 9.74 -21.51
CA LEU B 208 -23.49 9.63 -21.75
C LEU B 208 -23.31 9.49 -23.25
N VAL B 209 -23.07 10.62 -23.89
CA VAL B 209 -23.04 10.69 -25.34
C VAL B 209 -21.61 10.54 -25.78
N TYR B 210 -21.32 9.55 -26.63
CA TYR B 210 -19.96 9.37 -27.13
C TYR B 210 -19.64 10.41 -28.21
N PRO B 211 -18.61 11.25 -27.98
CA PRO B 211 -18.23 12.31 -28.90
C PRO B 211 -17.18 11.95 -29.95
N GLY B 212 -16.63 10.74 -29.90
CA GLY B 212 -15.46 10.41 -30.70
C GLY B 212 -15.73 9.84 -32.08
N SER B 213 -14.66 9.41 -32.75
CA SER B 213 -14.75 8.91 -34.11
C SER B 213 -15.29 7.47 -34.21
N LYS B 214 -15.70 7.11 -35.42
CA LYS B 214 -16.13 5.75 -35.69
C LYS B 214 -15.00 4.76 -35.44
N ASN B 215 -13.83 5.10 -35.92
CA ASN B 215 -12.70 4.23 -35.81
C ASN B 215 -12.27 3.95 -34.37
N SER B 216 -12.35 4.96 -33.53
CA SER B 216 -11.87 4.83 -32.16
C SER B 216 -12.89 4.06 -31.34
N TRP B 217 -14.14 4.04 -31.81
CA TRP B 217 -15.21 3.24 -31.18
C TRP B 217 -14.95 1.77 -31.43
N ASN B 218 -14.56 1.45 -32.66
CA ASN B 218 -14.58 0.07 -33.18
C ASN B 218 -13.21 -0.61 -33.22
N CYS B 219 -12.13 0.17 -33.19
CA CYS B 219 -10.79 -0.39 -33.32
C CYS B 219 -10.34 -1.02 -32.00
N TYR B 220 -9.32 -1.86 -32.05
CA TYR B 220 -8.70 -2.38 -30.87
C TYR B 220 -7.78 -1.28 -30.30
N ALA B 221 -7.73 -1.21 -29.00
CA ALA B 221 -6.92 -0.22 -28.31
C ALA B 221 -6.25 -0.91 -27.14
N ASP B 222 -5.18 -0.30 -26.64
CA ASP B 222 -4.59 -0.82 -25.40
C ASP B 222 -4.21 0.31 -24.41
N ALA B 223 -4.01 -0.10 -23.17
CA ALA B 223 -3.77 0.83 -22.07
C ALA B 223 -2.88 0.18 -21.04
N VAL B 224 -2.46 0.96 -20.04
CA VAL B 224 -1.76 0.41 -18.90
C VAL B 224 -2.33 0.94 -17.63
N ASP B 225 -2.56 0.02 -16.66
CA ASP B 225 -2.82 0.40 -15.30
C ASP B 225 -1.58 1.05 -14.64
N ALA B 226 -1.79 2.14 -13.90
CA ALA B 226 -0.66 2.91 -13.24
C ALA B 226 0.20 2.06 -12.32
N ASP B 227 -0.45 1.16 -11.60
CA ASP B 227 0.22 0.24 -10.71
C ASP B 227 1.04 -0.72 -11.45
N LEU B 228 0.56 -1.15 -12.61
CA LEU B 228 1.40 -2.04 -13.41
C LEU B 228 2.62 -1.31 -13.93
N VAL B 229 2.47 -0.02 -14.34
CA VAL B 229 3.68 0.76 -14.77
C VAL B 229 4.65 0.88 -13.61
N ALA B 230 4.12 1.16 -12.42
CA ALA B 230 5.01 1.19 -11.25
C ALA B 230 5.72 -0.16 -11.02
N GLU B 231 4.99 -1.27 -11.15
CA GLU B 231 5.61 -2.60 -11.01
C GLU B 231 6.66 -2.83 -12.09
N HIS B 232 6.37 -2.37 -13.30
CA HIS B 232 7.27 -2.60 -14.40
C HIS B 232 8.59 -1.81 -14.18
N GLU B 233 8.43 -0.58 -13.71
CA GLU B 233 9.57 0.27 -13.42
C GLU B 233 10.41 -0.22 -12.24
N ILE B 234 9.74 -0.67 -11.22
CA ILE B 234 10.40 -1.29 -10.11
C ILE B 234 11.15 -2.52 -10.55
N TRP B 235 10.52 -3.34 -11.37
CA TRP B 235 11.19 -4.54 -11.90
C TRP B 235 12.50 -4.21 -12.61
N ALA B 236 12.44 -3.22 -13.51
CA ALA B 236 13.63 -2.83 -14.25
C ALA B 236 14.69 -2.23 -13.36
N ALA B 237 14.26 -1.63 -12.24
CA ALA B 237 15.16 -1.01 -11.32
C ALA B 237 15.90 -2.02 -10.46
N VAL B 238 15.29 -3.16 -10.16
CA VAL B 238 15.97 -4.18 -9.36
C VAL B 238 16.43 -5.49 -10.06
N ASP B 239 15.85 -5.88 -11.19
CA ASP B 239 16.22 -7.15 -11.80
C ASP B 239 17.36 -6.94 -12.80
N PRO B 240 18.53 -7.54 -12.55
CA PRO B 240 19.63 -7.39 -13.52
C PRO B 240 19.28 -7.77 -14.97
N LYS B 241 18.38 -8.72 -15.17
CA LYS B 241 18.03 -9.09 -16.55
C LYS B 241 17.44 -7.93 -17.33
N ALA B 242 16.85 -6.96 -16.63
CA ALA B 242 16.11 -5.87 -17.30
C ALA B 242 16.91 -4.64 -17.55
N LYS B 243 18.17 -4.63 -17.12
CA LYS B 243 18.96 -3.41 -17.04
C LYS B 243 19.37 -2.94 -18.41
N ASN B 244 19.38 -1.62 -18.60
CA ASN B 244 19.81 -1.05 -19.86
C ASN B 244 18.99 -1.54 -21.02
N GLN B 245 17.68 -1.45 -20.88
CA GLN B 245 16.76 -1.80 -21.94
C GLN B 245 15.71 -0.74 -22.09
N VAL B 246 15.29 -0.53 -23.33
CA VAL B 246 14.13 0.20 -23.63
C VAL B 246 12.98 -0.83 -23.56
N LEU B 247 11.89 -0.47 -22.90
CA LEU B 247 10.78 -1.38 -22.63
C LEU B 247 9.39 -0.79 -22.76
N ASN B 248 8.53 -1.40 -23.58
CA ASN B 248 7.12 -1.01 -23.61
C ASN B 248 6.46 -1.48 -22.33
N CYS B 249 5.33 -0.86 -21.99
CA CYS B 249 4.52 -1.24 -20.85
C CYS B 249 3.04 -1.06 -21.09
N ASN B 250 2.33 -2.14 -21.25
CA ASN B 250 0.87 -2.09 -21.32
C ASN B 250 0.27 -3.32 -20.55
N ASN B 251 -1.06 -3.39 -20.51
CA ASN B 251 -1.75 -4.36 -19.70
C ASN B 251 -1.65 -5.78 -20.23
N GLY B 252 -1.15 -5.98 -21.45
CA GLY B 252 -1.00 -7.29 -22.01
C GLY B 252 -2.21 -7.80 -22.83
N ASP B 253 -3.28 -7.03 -22.87
CA ASP B 253 -4.48 -7.35 -23.64
C ASP B 253 -4.92 -6.17 -24.48
N VAL B 254 -6.09 -6.26 -25.11
CA VAL B 254 -6.63 -5.19 -25.93
C VAL B 254 -8.07 -5.00 -25.55
N PHE B 255 -8.61 -3.83 -25.84
CA PHE B 255 -10.04 -3.60 -25.65
C PHE B 255 -10.60 -2.73 -26.76
N LYS B 256 -11.90 -2.46 -26.71
CA LYS B 256 -12.53 -1.42 -27.53
C LYS B 256 -13.28 -0.37 -26.70
N TRP B 257 -13.18 0.90 -27.12
CA TRP B 257 -13.84 1.99 -26.43
C TRP B 257 -15.32 1.78 -26.35
N LYS B 258 -15.86 1.18 -27.40
CA LYS B 258 -17.26 0.81 -27.43
C LYS B 258 -17.66 0.06 -26.16
N HIS B 259 -16.81 -0.85 -25.70
CA HIS B 259 -17.19 -1.71 -24.55
C HIS B 259 -16.98 -0.92 -23.25
N ILE B 260 -15.95 -0.10 -23.25
CA ILE B 260 -15.61 0.71 -22.10
C ILE B 260 -16.72 1.73 -21.86
N TRP B 261 -17.22 2.31 -22.96
CA TRP B 261 -18.35 3.27 -22.90
C TRP B 261 -19.56 2.67 -22.22
N LYS B 262 -19.94 1.47 -22.59
CA LYS B 262 -21.08 0.81 -21.96
C LYS B 262 -20.81 0.66 -20.46
N LYS B 263 -19.59 0.26 -20.12
CA LYS B 263 -19.23 0.08 -18.73
C LYS B 263 -19.35 1.39 -17.96
N LEU B 264 -18.91 2.47 -18.60
CA LEU B 264 -18.89 3.79 -18.01
C LEU B 264 -20.33 4.23 -17.68
N ALA B 265 -21.23 4.11 -18.65
CA ALA B 265 -22.63 4.39 -18.47
C ALA B 265 -23.24 3.60 -17.31
N GLU B 266 -23.00 2.29 -17.27
CA GLU B 266 -23.45 1.45 -16.15
C GLU B 266 -22.94 1.94 -14.76
N GLU B 267 -21.64 2.24 -14.66
CA GLU B 267 -21.04 2.70 -13.44
C GLU B 267 -21.66 3.99 -12.87
N PHE B 268 -22.21 4.82 -13.76
CA PHE B 268 -22.83 6.08 -13.37
C PHE B 268 -24.37 6.01 -13.41
N GLY B 269 -24.91 4.84 -13.72
CA GLY B 269 -26.35 4.66 -13.83
C GLY B 269 -27.03 5.64 -14.76
N ILE B 270 -26.43 5.92 -15.91
CA ILE B 270 -27.05 6.80 -16.90
C ILE B 270 -27.16 6.11 -18.23
N GLU B 271 -28.02 6.65 -19.08
CA GLU B 271 -28.20 6.11 -20.40
C GLU B 271 -27.02 6.47 -21.23
N MET B 272 -26.69 5.58 -22.16
CA MET B 272 -25.61 5.73 -23.09
C MET B 272 -26.15 6.04 -24.49
N VAL B 273 -25.52 6.95 -25.19
CA VAL B 273 -25.71 7.06 -26.63
C VAL B 273 -24.35 6.76 -27.28
N GLY B 274 -24.26 5.59 -27.91
CA GLY B 274 -23.02 5.16 -28.54
C GLY B 274 -22.68 5.93 -29.80
N TYR B 275 -21.73 5.40 -30.56
CA TYR B 275 -21.40 5.93 -31.85
C TYR B 275 -22.61 5.75 -32.78
N VAL B 276 -22.86 6.79 -33.59
CA VAL B 276 -23.98 6.86 -34.52
C VAL B 276 -23.44 6.97 -35.93
N GLU B 277 -23.85 6.04 -36.78
CA GLU B 277 -23.30 5.97 -38.14
C GLU B 277 -23.37 7.30 -38.89
N GLY B 278 -22.24 7.74 -39.45
CA GLY B 278 -22.21 9.00 -40.16
C GLY B 278 -22.05 10.23 -39.28
N LYS B 279 -22.35 10.14 -37.98
CA LYS B 279 -22.11 11.28 -37.12
C LYS B 279 -20.58 11.42 -36.97
N GLU B 280 -20.09 12.66 -36.99
CA GLU B 280 -18.65 12.95 -36.97
C GLU B 280 -18.16 13.38 -35.58
N GLN B 281 -16.86 13.24 -35.32
CA GLN B 281 -16.33 13.49 -33.98
C GLN B 281 -16.68 14.92 -33.52
N VAL B 282 -17.15 15.08 -32.29
CA VAL B 282 -17.26 16.43 -31.73
C VAL B 282 -16.20 16.61 -30.64
N SER B 283 -15.76 17.84 -30.45
CA SER B 283 -14.74 18.14 -29.44
C SER B 283 -15.34 18.19 -28.03
N LEU B 284 -14.97 17.21 -27.21
CA LEU B 284 -15.25 17.23 -25.79
C LEU B 284 -14.69 18.47 -25.07
N ALA B 285 -13.51 18.93 -25.46
CA ALA B 285 -12.99 20.18 -24.94
C ALA B 285 -14.01 21.32 -25.11
N GLU B 286 -14.57 21.45 -26.31
CA GLU B 286 -15.56 22.48 -26.59
C GLU B 286 -16.88 22.25 -25.84
N LEU B 287 -17.37 21.01 -25.79
CA LEU B 287 -18.60 20.71 -25.07
C LEU B 287 -18.53 21.09 -23.60
N MET B 288 -17.33 21.05 -23.02
CA MET B 288 -17.15 21.27 -21.59
C MET B 288 -16.51 22.62 -21.29
N LYS B 289 -16.38 23.45 -22.33
CA LYS B 289 -15.63 24.71 -22.27
C LYS B 289 -15.93 25.64 -21.09
N ASP B 290 -17.17 25.74 -20.66
CA ASP B 290 -17.42 26.62 -19.51
C ASP B 290 -18.27 25.89 -18.49
N LYS B 291 -17.77 24.72 -18.08
CA LYS B 291 -18.42 23.90 -17.09
C LYS B 291 -17.77 24.05 -15.75
N ASP B 292 -16.74 24.89 -15.63
CA ASP B 292 -15.97 24.94 -14.40
C ASP B 292 -16.78 25.24 -13.12
N GLN B 293 -17.85 26.02 -13.23
CA GLN B 293 -18.62 26.34 -12.04
C GLN B 293 -19.54 25.18 -11.71
N VAL B 294 -20.04 24.52 -12.75
CA VAL B 294 -20.77 23.27 -12.57
C VAL B 294 -19.88 22.29 -11.77
N TRP B 295 -18.65 22.13 -12.19
CA TRP B 295 -17.75 21.25 -11.47
C TRP B 295 -17.63 21.73 -10.01
N ASP B 296 -17.23 23.00 -9.81
CA ASP B 296 -17.18 23.60 -8.46
C ASP B 296 -18.42 23.30 -7.62
N GLU B 297 -19.60 23.39 -8.21
CA GLU B 297 -20.85 22.98 -7.51
C GLU B 297 -20.91 21.52 -7.11
N ILE B 298 -20.62 20.64 -8.09
CA ILE B 298 -20.63 19.19 -7.86
C ILE B 298 -19.64 18.87 -6.76
N VAL B 299 -18.46 19.50 -6.81
CA VAL B 299 -17.47 19.32 -5.75
C VAL B 299 -18.01 19.66 -4.34
N LYS B 300 -18.59 20.86 -4.19
CA LYS B 300 -19.11 21.30 -2.88
C LYS B 300 -20.31 20.44 -2.45
N LYS B 301 -21.19 20.20 -3.41
CA LYS B 301 -22.36 19.39 -3.18
C LYS B 301 -22.09 17.98 -2.71
N ASN B 302 -21.06 17.35 -3.24
CA ASN B 302 -20.74 15.96 -2.86
C ASN B 302 -19.62 15.90 -1.84
N ASN B 303 -19.16 17.06 -1.38
CA ASN B 303 -18.05 17.17 -0.45
C ASN B 303 -16.80 16.39 -0.95
N LEU B 304 -16.44 16.66 -2.20
CA LEU B 304 -15.30 16.04 -2.85
C LEU B 304 -14.01 16.73 -2.47
N VAL B 305 -12.90 16.08 -2.69
CA VAL B 305 -11.63 16.75 -2.62
C VAL B 305 -11.73 17.91 -3.62
N PRO B 306 -11.37 19.12 -3.17
CA PRO B 306 -11.55 20.24 -4.09
C PRO B 306 -10.53 20.15 -5.21
N THR B 307 -11.04 20.13 -6.43
CA THR B 307 -10.21 20.16 -7.62
C THR B 307 -10.84 21.19 -8.60
N LYS B 308 -10.02 21.91 -9.37
CA LYS B 308 -10.53 22.68 -10.52
C LYS B 308 -10.75 21.78 -11.72
N LEU B 309 -11.74 22.12 -12.55
CA LEU B 309 -12.08 21.36 -13.72
C LEU B 309 -10.85 21.04 -14.58
N LYS B 310 -10.03 22.05 -14.88
CA LYS B 310 -8.87 21.90 -15.77
C LYS B 310 -7.79 21.01 -15.19
N GLU B 311 -7.85 20.74 -13.89
CA GLU B 311 -6.85 19.92 -13.23
C GLU B 311 -7.18 18.43 -13.26
N ILE B 312 -8.40 18.12 -12.88
CA ILE B 312 -8.82 16.73 -12.79
C ILE B 312 -9.11 16.16 -14.20
N ALA B 313 -9.50 17.02 -15.13
CA ALA B 313 -9.84 16.62 -16.48
C ALA B 313 -8.91 17.23 -17.52
N ALA B 314 -8.77 16.48 -18.62
CA ALA B 314 -7.98 16.89 -19.77
C ALA B 314 -8.81 16.52 -21.00
N PHE B 315 -9.89 17.25 -21.20
CA PHE B 315 -10.81 16.91 -22.28
C PHE B 315 -10.13 16.91 -23.63
N TRP B 316 -9.12 17.78 -23.79
CA TRP B 316 -8.32 17.81 -25.02
C TRP B 316 -7.69 16.46 -25.34
N PHE B 317 -7.35 15.72 -24.28
CA PHE B 317 -6.63 14.44 -24.37
C PHE B 317 -7.59 13.28 -24.71
N ALA B 318 -8.80 13.32 -24.17
CA ALA B 318 -9.82 12.40 -24.61
C ALA B 318 -10.05 12.58 -26.11
N ASP B 319 -10.05 13.83 -26.59
CA ASP B 319 -10.29 14.11 -28.01
C ASP B 319 -9.28 13.38 -28.87
N ILE B 320 -8.01 13.48 -28.47
CA ILE B 320 -6.95 12.76 -29.13
C ILE B 320 -7.16 11.25 -29.07
N ALA B 321 -7.45 10.70 -27.90
CA ALA B 321 -7.69 9.26 -27.81
C ALA B 321 -8.78 8.83 -28.76
N PHE B 322 -9.79 9.69 -28.93
CA PHE B 322 -10.95 9.34 -29.73
C PHE B 322 -10.84 9.69 -31.19
N CYS B 323 -9.69 10.14 -31.65
CA CYS B 323 -9.45 10.07 -33.08
C CYS B 323 -8.18 9.26 -33.32
N SER B 324 -7.85 8.36 -32.41
CA SER B 324 -6.62 7.58 -32.61
C SER B 324 -6.99 6.15 -32.97
N GLU B 325 -6.08 5.47 -33.66
CA GLU B 325 -6.26 4.04 -33.93
C GLU B 325 -4.94 3.49 -34.35
N ASN B 326 -4.83 2.17 -34.29
CA ASN B 326 -3.66 1.47 -34.76
C ASN B 326 -2.44 1.78 -33.90
N LEU B 327 -2.61 1.98 -32.59
CA LEU B 327 -1.49 2.33 -31.72
C LEU B 327 -1.05 1.19 -30.77
N ILE B 328 -1.52 -0.04 -31.00
CA ILE B 328 -1.18 -1.17 -30.12
C ILE B 328 0.35 -1.30 -30.00
N SER B 329 0.85 -1.51 -28.79
CA SER B 329 2.28 -1.76 -28.56
C SER B 329 2.47 -3.22 -28.09
N SER B 330 3.63 -3.77 -28.36
CA SER B 330 3.91 -5.17 -28.00
C SER B 330 4.62 -5.24 -26.66
N MET B 331 4.20 -6.20 -25.86
CA MET B 331 4.88 -6.55 -24.62
C MET B 331 5.81 -7.75 -24.73
N ASN B 332 6.09 -8.24 -25.93
CA ASN B 332 6.87 -9.47 -26.01
C ASN B 332 8.24 -9.33 -25.41
N LYS B 333 8.89 -8.22 -25.64
CA LYS B 333 10.25 -8.06 -25.13
C LYS B 333 10.28 -8.20 -23.63
N SER B 334 9.40 -7.49 -22.92
CA SER B 334 9.37 -7.53 -21.46
C SER B 334 9.11 -8.95 -20.96
N LYS B 335 8.13 -9.61 -21.56
CA LYS B 335 7.79 -10.99 -21.23
C LYS B 335 8.92 -11.97 -21.50
N GLU B 336 9.69 -11.76 -22.57
CA GLU B 336 10.81 -12.66 -22.88
C GLU B 336 11.92 -12.44 -21.87
N LEU B 337 11.95 -11.25 -21.28
CA LEU B 337 12.91 -10.93 -20.22
C LEU B 337 12.41 -11.45 -18.88
N GLY B 338 11.21 -12.00 -18.82
CA GLY B 338 10.69 -12.52 -17.53
C GLY B 338 9.71 -11.67 -16.73
N PHE B 339 9.35 -10.48 -17.23
CA PHE B 339 8.27 -9.73 -16.59
C PHE B 339 6.90 -10.23 -17.06
N LEU B 340 6.12 -10.83 -16.18
CA LEU B 340 4.84 -11.38 -16.60
C LEU B 340 3.63 -10.68 -15.95
N GLY B 341 3.85 -9.48 -15.42
CA GLY B 341 2.77 -8.66 -14.88
C GLY B 341 1.79 -8.36 -15.99
N PHE B 342 0.52 -8.21 -15.64
CA PHE B 342 -0.51 -7.92 -16.60
C PHE B 342 -1.73 -7.42 -15.79
N ARG B 343 -2.71 -6.87 -16.51
CA ARG B 343 -4.02 -6.60 -15.95
C ARG B 343 -5.06 -6.84 -17.04
N ASN B 344 -6.23 -7.20 -16.62
CA ASN B 344 -7.47 -7.16 -17.45
C ASN B 344 -7.91 -5.71 -17.61
N SER B 345 -7.83 -5.17 -18.83
CA SER B 345 -8.01 -3.76 -19.01
C SER B 345 -9.40 -3.26 -18.61
N MET B 346 -10.42 -4.08 -18.84
CA MET B 346 -11.76 -3.69 -18.48
C MET B 346 -11.82 -3.54 -16.97
N LYS B 347 -11.22 -4.51 -16.27
CA LYS B 347 -11.17 -4.48 -14.81
C LYS B 347 -10.34 -3.36 -14.26
N SER B 348 -9.23 -3.03 -14.93
CA SER B 348 -8.34 -1.94 -14.52
C SER B 348 -9.14 -0.60 -14.62
N PHE B 349 -9.98 -0.48 -15.63
CA PHE B 349 -10.72 0.76 -15.87
C PHE B 349 -11.71 0.91 -14.75
N VAL B 350 -12.47 -0.15 -14.47
CA VAL B 350 -13.44 -0.10 -13.39
C VAL B 350 -12.74 0.17 -12.03
N SER B 351 -11.53 -0.35 -11.88
CA SER B 351 -10.78 -0.24 -10.66
C SER B 351 -10.29 1.17 -10.44
N CYS B 352 -9.89 1.86 -11.51
CA CYS B 352 -9.64 3.28 -11.44
C CYS B 352 -10.86 4.08 -11.08
N ILE B 353 -12.03 3.75 -11.65
CA ILE B 353 -13.23 4.41 -11.23
C ILE B 353 -13.49 4.26 -9.73
N ASP B 354 -13.39 3.01 -9.24
CA ASP B 354 -13.69 2.74 -7.86
C ASP B 354 -12.71 3.50 -6.95
N LYS B 355 -11.46 3.54 -7.34
CA LYS B 355 -10.46 4.19 -6.51
C LYS B 355 -10.59 5.70 -6.42
N MET B 356 -11.00 6.32 -7.53
CA MET B 356 -11.28 7.75 -7.51
C MET B 356 -12.52 8.12 -6.69
N ARG B 357 -13.49 7.21 -6.61
CA ARG B 357 -14.61 7.38 -5.73
C ARG B 357 -14.16 7.22 -4.29
N ASP B 358 -13.53 6.09 -4.03
CA ASP B 358 -12.92 5.75 -2.74
C ASP B 358 -12.17 6.96 -2.19
N TYR B 359 -11.32 7.59 -3.03
CA TYR B 359 -10.50 8.71 -2.53
C TYR B 359 -11.25 10.05 -2.48
N ARG B 360 -12.51 10.05 -2.94
CA ARG B 360 -13.41 11.18 -2.96
C ARG B 360 -13.04 12.27 -4.00
N PHE B 361 -12.41 11.87 -5.09
CA PHE B 361 -12.15 12.79 -6.24
C PHE B 361 -13.42 12.91 -7.10
N ILE B 362 -14.26 11.90 -7.08
CA ILE B 362 -15.48 11.96 -7.87
C ILE B 362 -16.60 11.38 -7.02
N PRO B 363 -17.86 11.73 -7.31
CA PRO B 363 -19.00 11.23 -6.51
C PRO B 363 -19.12 9.72 -6.40
N ALA B 364 -19.56 9.25 -5.24
CA ALA B 364 -19.88 7.83 -5.05
C ALA B 364 -21.17 7.41 -5.79
N SER B 365 -21.24 6.13 -6.16
CA SER B 365 -22.41 5.51 -6.77
C SER B 365 -23.18 6.44 -7.74
#